data_7UV9
#
_entry.id   7UV9
#
_cell.length_a   1.00
_cell.length_b   1.00
_cell.length_c   1.00
_cell.angle_alpha   90.00
_cell.angle_beta   90.00
_cell.angle_gamma   90.00
#
_symmetry.space_group_name_H-M   'P 1'
#
loop_
_entity.id
_entity.type
_entity.pdbx_description
1 polymer 'Histone H3.2'
2 polymer 'Histone H4'
3 polymer 'Histone H2A type 1'
4 polymer 'Histone H2B type 1-C/E/F/G/I'
5 polymer 'DNA (185-MER)'
6 polymer 'DNA (185-MER)'
7 polymer 'Lysine-specific demethylase 2A'
8 non-polymer N-heptanoyl-N-hydroxy-beta-alanine
9 non-polymer 'FE (III) ION'
#
loop_
_entity_poly.entity_id
_entity_poly.type
_entity_poly.pdbx_seq_one_letter_code
_entity_poly.pdbx_strand_id
1 'polypeptide(L)'
;ARTKQTARKSTGGKAPRKQLATKAARKSAPATGGVCKPHRYRPGTVALREIRRYQKSTELLIRKLPFQRLVREIAQDFKT
DLRFQSSAVMALQEASEAYLVGLFEDTNLAAIHAKRVTIMPKDIQLARRIRGERA
;
A,E
2 'polypeptide(L)'
;SGRGKGGKGLGKGGAKRHRKVLRDNIQGITKPAIRRLARRGGVKRISGLIYEETRGVLKVFLENVIRDAVTYTEHAKRKT
VTAMDVVYALKRQGRTLYGFGG
;
B,F
3 'polypeptide(L)'
;SGRGKQGGKARAKAKTRSSRAGLQFPVGRVHRLLRKGNYAERVGAGAPVYLAAVLEYLTAEILELAGNAARDNKKTRIIP
RHLQLAIRNDEELNKLLGKVTIAQGGVLPNIQAVLLPKKTESHHKAKGK
;
C,G
4 'polypeptide(L)'
;PEPAKSAPAPKKGSKKAVTKAQKKDGKKRKRSRKESYSVYVYKVLKQVHPDTGISSKAMGIMNSFVNDIFERIAGEASRL
AHYNKRSTITSREIQTAVRLLLPGELAKHAVSEGTKAVTKYTSSK
;
D,H
5 'polydeoxyribonucleotide'
;(DA)(DT)(DC)(DG)(DC)(DT)(DG)(DT)(DT)(DC)(DA)(DA)(DT)(DA)(DC)(DA)(DT)(DG)(DC)(DA)
(DC)(DA)(DG)(DG)(DA)(DT)(DG)(DT)(DA)(DT)(DA)(DT)(DA)(DT)(DC)(DT)(DG)(DA)(DC)(DA)
(DC)(DG)(DT)(DG)(DC)(DC)(DT)(DG)(DG)(DA)(DG)(DA)(DC)(DT)(DA)(DG)(DG)(DG)(DA)(DG)
(DT)(DA)(DA)(DT)(DC)(DC)(DC)(DC)(DT)(DT)(DG)(DG)(DC)(DG)(DG)(DT)(DT)(DA)(DA)(DA)
(DA)(DC)(DG)(DC)(DG)(DG)(DG)(DG)(DG)(DA)(DC)(DA)(DG)(DC)(DG)(DC)(DG)(DT)(DA)(DC)
(DG)(DT)(DG)(DC)(DG)(DT)(DT)(DT)(DA)(DA)(DG)(DC)(DG)(DG)(DT)(DG)(DC)(DT)(DA)(DG)
(DA)(DG)(DC)(DT)(DG)(DT)(DC)(DT)(DA)(DC)(DG)(DA)(DC)(DC)(DA)(DA)(DT)(DT)(DG)(DA)
(DG)(DC)(DG)(DG)(DC)(DC)(DT)(DC)(DG)(DG)(DC)(DA)(DC)(DC)(DG)(DG)(DG)(DA)(DT)(DT)
(DC)(DT)(DC)(DC)(DA)(DG)(DG)(DG)(DC)(DG)(DG)(DC)(DC)(DG)(DC)(DG)(DT)(DA)(DT)(DA)
(DG)(DG)(DG)(DA)(DT)
;
I
6 'polydeoxyribonucleotide'
;(DA)(DT)(DC)(DC)(DC)(DT)(DA)(DT)(DA)(DC)(DG)(DC)(DG)(DG)(DC)(DC)(DG)(DC)(DC)(DC)
(DT)(DG)(DG)(DA)(DG)(DA)(DA)(DT)(DC)(DC)(DC)(DG)(DG)(DT)(DG)(DC)(DC)(DG)(DA)(DG)
(DG)(DC)(DC)(DG)(DC)(DT)(DC)(DA)(DA)(DT)(DT)(DG)(DG)(DT)(DC)(DG)(DT)(DA)(DG)(DA)
(DC)(DA)(DG)(DC)(DT)(DC)(DT)(DA)(DG)(DC)(DA)(DC)(DC)(DG)(DC)(DT)(DT)(DA)(DA)(DA)
(DC)(DG)(DC)(DA)(DC)(DG)(DT)(DA)(DC)(DG)(DC)(DG)(DC)(DT)(DG)(DT)(DC)(DC)(DC)(DC)
(DC)(DG)(DC)(DG)(DT)(DT)(DT)(DT)(DA)(DA)(DC)(DC)(DG)(DC)(DC)(DA)(DA)(DG)(DG)(DG)
(DG)(DA)(DT)(DT)(DA)(DC)(DT)(DC)(DC)(DC)(DT)(DA)(DG)(DT)(DC)(DT)(DC)(DC)(DA)(DG)
(DG)(DC)(DA)(DC)(DG)(DT)(DG)(DT)(DC)(DA)(DG)(DA)(DT)(DA)(DT)(DA)(DT)(DA)(DC)(DA)
(DT)(DC)(DC)(DT)(DG)(DT)(DG)(DC)(DA)(DT)(DG)(DT)(DA)(DT)(DT)(DG)(DA)(DA)(DC)(DA)
(DG)(DC)(DG)(DA)(DT)
;
J
7 'polypeptide(L)'
;GSEPEEERIRYSQRLRGTMRRRYEDDGISDDEIEGKRTFDLEEKLHTNKYNANFVTFMEGKDFNVEYIQRGGLRDPLIFK
NSDGLGIKMPDPDFTVNDVKMCVGSRRMVDVMDVNTQKGIEMTMAQWTRYYETPEEEREKLYNVISLEFSHTRLENMVQR
PSTVDFIDWVDNMWPRHLKESQTESTNAILEMQYPKVQKYCLMSVRGCYTDFHVDFGGTSVWYHIHQGGKVFWLIPPTAH
NLELYENWLLSGKQGDIFLGDRVSDCQRIELKQGYTFVIPSGWIHAVYTPTDTLVFGGNFLHSFNIPMQLKIYNIEDRTR
VPNKFRYPFYYEMCWYVLERYVYCITNRSHLTKEFQKESLSMDLELNGLESGNGDEEAVDREPRRLSSRRSVLTSPVANG
VNLDYDGLGKTCRSLPSLKKTLAGDSSSDCSRGSHNGQVWDPQCAPRKDRQVHLTHFELEGLRCLVDKLESLPLHKKCVP
TGIEDEDALIADVKILLEELANSDPKLALTGVPIVQWPKRDKLKFPTRPKVRVPTIPITKPHTMKPAPRLTPVRPAAASP
IVSGARRRRVRCRKCKACVQGECGVCHYCRDMKKFGGPGRMKQSCVLRQCLAPRLPHSVTCSLCGEVDQNEETQDFEKKL
MECCICNEIVHPGCLQMDGEGLLNEELPNCWECPKCYQEDSSEKAQHHHHHH
;
K
#
# COMPACT_ATOMS: atom_id res chain seq x y z
N ALA A 29 30.97 -14.74 -17.42
CA ALA A 29 30.88 -16.20 -17.51
C ALA A 29 30.53 -16.63 -18.93
N PRO A 30 31.28 -17.59 -19.47
CA PRO A 30 30.99 -18.09 -20.81
C PRO A 30 29.62 -18.74 -20.88
N ALA A 31 28.95 -18.59 -22.02
CA ALA A 31 27.64 -19.19 -22.21
C ALA A 31 27.76 -20.71 -22.26
N THR A 32 26.80 -21.38 -21.63
CA THR A 32 26.76 -22.83 -21.58
C THR A 32 25.60 -23.35 -22.42
N GLY A 33 25.86 -24.44 -23.14
CA GLY A 33 24.85 -25.04 -23.98
C GLY A 33 24.60 -26.48 -23.57
N GLY A 34 23.34 -26.89 -23.69
CA GLY A 34 22.96 -28.23 -23.30
C GLY A 34 22.80 -28.45 -21.81
N VAL A 35 22.62 -27.38 -21.04
CA VAL A 35 22.42 -27.48 -19.60
C VAL A 35 20.93 -27.62 -19.34
N CYS A 36 20.54 -28.65 -18.58
CA CYS A 36 19.14 -28.97 -18.40
C CYS A 36 18.63 -28.37 -17.09
N LYS A 37 17.48 -27.70 -17.16
CA LYS A 37 16.82 -27.20 -15.96
C LYS A 37 15.34 -26.93 -16.25
N PRO A 38 14.44 -27.58 -15.53
CA PRO A 38 13.02 -27.21 -15.65
C PRO A 38 12.78 -25.76 -15.29
N HIS A 39 11.87 -25.13 -16.03
CA HIS A 39 11.55 -23.71 -15.85
C HIS A 39 12.79 -22.83 -15.98
N PRO A 43 1.17 -11.70 -16.90
CA PRO A 43 0.88 -10.29 -16.62
C PRO A 43 0.12 -10.10 -15.30
N GLY A 44 0.69 -9.29 -14.40
CA GLY A 44 0.07 -9.03 -13.13
C GLY A 44 0.62 -9.83 -11.97
N THR A 45 1.30 -10.94 -12.23
CA THR A 45 1.88 -11.75 -11.17
C THR A 45 3.04 -11.06 -10.47
N VAL A 46 3.88 -10.34 -11.22
CA VAL A 46 4.96 -9.58 -10.60
C VAL A 46 4.41 -8.42 -9.78
N ALA A 47 3.25 -7.89 -10.18
CA ALA A 47 2.66 -6.76 -9.47
C ALA A 47 2.33 -7.11 -8.03
N LEU A 48 1.73 -8.29 -7.80
CA LEU A 48 1.39 -8.69 -6.44
C LEU A 48 2.63 -8.88 -5.59
N ARG A 49 3.69 -9.45 -6.17
CA ARG A 49 4.94 -9.62 -5.44
C ARG A 49 5.56 -8.27 -5.09
N GLU A 50 5.48 -7.31 -6.01
CA GLU A 50 5.98 -5.97 -5.72
C GLU A 50 5.17 -5.30 -4.61
N ILE A 51 3.85 -5.50 -4.61
CA ILE A 51 3.01 -4.95 -3.56
C ILE A 51 3.40 -5.54 -2.21
N ARG A 52 3.57 -6.86 -2.17
CA ARG A 52 3.95 -7.51 -0.91
C ARG A 52 5.35 -7.11 -0.45
N ARG A 53 6.25 -6.81 -1.38
CA ARG A 53 7.59 -6.38 -1.00
C ARG A 53 7.58 -4.95 -0.45
N TYR A 54 6.86 -4.05 -1.12
CA TYR A 54 6.88 -2.64 -0.70
C TYR A 54 6.02 -2.40 0.53
N GLN A 55 4.99 -3.22 0.75
CA GLN A 55 4.17 -3.05 1.96
C GLN A 55 4.85 -3.62 3.19
N LYS A 56 6.07 -4.11 3.06
CA LYS A 56 6.80 -4.73 4.17
C LYS A 56 8.02 -3.94 4.61
N SER A 57 8.57 -3.10 3.75
CA SER A 57 9.78 -2.34 4.08
C SER A 57 9.37 -1.01 4.74
N THR A 58 10.37 -0.20 5.08
CA THR A 58 10.10 1.08 5.76
C THR A 58 10.91 2.26 5.24
N GLU A 59 11.81 2.06 4.27
CA GLU A 59 12.64 3.17 3.82
C GLU A 59 11.82 4.14 2.97
N LEU A 60 12.43 5.27 2.64
CA LEU A 60 11.80 6.26 1.78
C LEU A 60 11.98 5.87 0.33
N LEU A 61 10.92 6.04 -0.46
CA LEU A 61 10.89 5.54 -1.82
C LEU A 61 11.24 6.57 -2.88
N ILE A 62 11.46 7.82 -2.51
CA ILE A 62 11.89 8.83 -3.46
C ILE A 62 13.38 9.12 -3.23
N ARG A 63 14.05 9.58 -4.26
CA ARG A 63 15.46 9.93 -4.17
C ARG A 63 15.63 11.14 -3.26
N LYS A 64 16.87 11.45 -2.91
CA LYS A 64 17.18 12.53 -1.97
C LYS A 64 17.45 13.85 -2.68
N LEU A 65 18.44 13.88 -3.58
CA LEU A 65 18.81 15.15 -4.22
C LEU A 65 17.69 15.78 -5.04
N PRO A 66 16.93 15.06 -5.88
CA PRO A 66 15.81 15.72 -6.58
C PRO A 66 14.79 16.34 -5.64
N PHE A 67 14.47 15.68 -4.54
CA PHE A 67 13.53 16.25 -3.59
C PHE A 67 14.07 17.53 -2.96
N GLN A 68 15.36 17.52 -2.60
CA GLN A 68 15.99 18.72 -2.05
C GLN A 68 15.92 19.87 -3.05
N ARG A 69 16.24 19.60 -4.30
CA ARG A 69 16.20 20.66 -5.31
C ARG A 69 14.79 21.19 -5.52
N LEU A 70 13.80 20.29 -5.54
CA LEU A 70 12.42 20.72 -5.69
C LEU A 70 11.98 21.60 -4.53
N VAL A 71 12.34 21.21 -3.30
CA VAL A 71 11.95 21.98 -2.13
C VAL A 71 12.61 23.36 -2.15
N ARG A 72 13.90 23.41 -2.51
CA ARG A 72 14.58 24.70 -2.57
C ARG A 72 14.00 25.60 -3.65
N GLU A 73 13.68 25.03 -4.81
CA GLU A 73 13.06 25.82 -5.87
C GLU A 73 11.70 26.36 -5.44
N ILE A 74 10.90 25.54 -4.77
CA ILE A 74 9.58 26.00 -4.31
C ILE A 74 9.73 27.10 -3.27
N ALA A 75 10.66 26.92 -2.31
CA ALA A 75 10.83 27.90 -1.25
C ALA A 75 11.49 29.18 -1.73
N GLN A 76 12.18 29.15 -2.88
CA GLN A 76 12.85 30.34 -3.37
C GLN A 76 11.86 31.44 -3.72
N ASP A 77 10.59 31.10 -3.90
CA ASP A 77 9.56 32.06 -4.26
C ASP A 77 9.10 32.94 -3.10
N PHE A 78 9.26 32.49 -1.85
CA PHE A 78 8.80 33.23 -0.69
C PHE A 78 9.88 34.06 -0.03
N LYS A 79 11.16 33.76 -0.27
CA LYS A 79 12.25 34.50 0.34
C LYS A 79 13.51 34.20 -0.47
N THR A 80 14.52 35.06 -0.30
CA THR A 80 15.77 34.95 -1.02
C THR A 80 16.90 34.57 -0.05
N ASP A 81 17.77 33.68 -0.51
CA ASP A 81 18.94 33.24 0.25
C ASP A 81 18.53 32.58 1.56
N LEU A 82 17.75 31.52 1.43
CA LEU A 82 17.32 30.71 2.57
C LEU A 82 18.26 29.53 2.77
N ARG A 83 18.30 29.03 4.00
CA ARG A 83 19.10 27.87 4.34
C ARG A 83 18.21 26.84 5.03
N PHE A 84 18.54 25.57 4.86
CA PHE A 84 17.74 24.48 5.38
C PHE A 84 18.61 23.56 6.21
N GLN A 85 18.07 23.11 7.34
CA GLN A 85 18.66 21.98 8.05
C GLN A 85 18.30 20.67 7.35
N SER A 86 19.04 19.61 7.69
CA SER A 86 18.78 18.32 7.06
C SER A 86 17.51 17.68 7.61
N SER A 87 17.29 17.77 8.91
CA SER A 87 16.11 17.15 9.52
C SER A 87 14.82 17.77 9.00
N ALA A 88 14.85 19.05 8.64
CA ALA A 88 13.68 19.69 8.07
C ALA A 88 13.29 19.03 6.75
N VAL A 89 14.28 18.83 5.87
CA VAL A 89 14.02 18.19 4.59
C VAL A 89 13.57 16.74 4.78
N MET A 90 14.17 16.04 5.76
CA MET A 90 13.76 14.67 6.03
C MET A 90 12.29 14.61 6.46
N ALA A 91 11.90 15.50 7.38
CA ALA A 91 10.52 15.52 7.85
C ALA A 91 9.56 15.86 6.72
N LEU A 92 9.94 16.82 5.88
CA LEU A 92 9.09 17.19 4.75
C LEU A 92 8.89 16.00 3.81
N GLN A 93 9.98 15.29 3.51
CA GLN A 93 9.89 14.14 2.61
C GLN A 93 8.98 13.06 3.20
N GLU A 94 9.13 12.77 4.50
CA GLU A 94 8.32 11.74 5.12
C GLU A 94 6.84 12.11 5.11
N ALA A 95 6.53 13.37 5.46
CA ALA A 95 5.14 13.80 5.46
C ALA A 95 4.54 13.73 4.05
N SER A 96 5.30 14.17 3.05
CA SER A 96 4.80 14.13 1.68
C SER A 96 4.52 12.70 1.23
N GLU A 97 5.43 11.77 1.54
CA GLU A 97 5.24 10.39 1.12
C GLU A 97 4.03 9.77 1.80
N ALA A 98 3.85 10.05 3.09
CA ALA A 98 2.67 9.53 3.79
C ALA A 98 1.37 10.07 3.16
N TYR A 99 1.35 11.37 2.86
CA TYR A 99 0.17 11.95 2.23
C TYR A 99 -0.13 11.27 0.89
N LEU A 100 0.90 11.08 0.07
CA LEU A 100 0.69 10.46 -1.24
C LEU A 100 0.20 9.02 -1.10
N VAL A 101 0.75 8.26 -0.15
CA VAL A 101 0.33 6.87 0.02
C VAL A 101 -1.14 6.82 0.42
N GLY A 102 -1.55 7.67 1.37
CA GLY A 102 -2.96 7.70 1.75
C GLY A 102 -3.87 8.06 0.61
N LEU A 103 -3.46 9.05 -0.20
CA LEU A 103 -4.27 9.44 -1.35
C LEU A 103 -4.38 8.28 -2.34
N PHE A 104 -3.30 7.52 -2.52
CA PHE A 104 -3.35 6.39 -3.45
C PHE A 104 -4.27 5.29 -2.95
N GLU A 105 -4.30 5.04 -1.63
CA GLU A 105 -5.25 4.07 -1.10
C GLU A 105 -6.69 4.51 -1.34
N ASP A 106 -6.99 5.79 -1.10
CA ASP A 106 -8.35 6.26 -1.34
C ASP A 106 -8.70 6.19 -2.83
N THR A 107 -7.75 6.51 -3.70
CA THR A 107 -7.97 6.38 -5.14
C THR A 107 -8.25 4.94 -5.53
N ASN A 108 -7.54 3.99 -4.91
CA ASN A 108 -7.79 2.58 -5.18
C ASN A 108 -9.21 2.19 -4.79
N LEU A 109 -9.68 2.65 -3.63
CA LEU A 109 -11.06 2.37 -3.24
C LEU A 109 -12.05 2.95 -4.25
N ALA A 110 -11.79 4.18 -4.69
CA ALA A 110 -12.65 4.80 -5.70
C ALA A 110 -12.67 3.99 -6.99
N ALA A 111 -11.52 3.50 -7.43
CA ALA A 111 -11.45 2.73 -8.66
C ALA A 111 -12.19 1.40 -8.52
N ILE A 112 -12.05 0.74 -7.37
CA ILE A 112 -12.77 -0.51 -7.15
C ILE A 112 -14.27 -0.27 -7.11
N HIS A 113 -14.71 0.93 -6.72
CA HIS A 113 -16.14 1.21 -6.70
C HIS A 113 -16.78 1.06 -8.07
N ALA A 114 -16.13 1.59 -9.11
CA ALA A 114 -16.72 1.66 -10.44
C ALA A 114 -16.53 0.38 -11.25
N LYS A 115 -16.26 -0.75 -10.59
CA LYS A 115 -16.04 -2.04 -11.26
C LYS A 115 -14.88 -1.95 -12.25
N ARG A 116 -13.70 -1.64 -11.73
CA ARG A 116 -12.49 -1.55 -12.53
C ARG A 116 -11.31 -2.07 -11.71
N VAL A 117 -10.14 -2.07 -12.33
CA VAL A 117 -8.91 -2.45 -11.64
C VAL A 117 -7.83 -1.41 -11.94
N THR A 118 -8.08 -0.57 -12.95
CA THR A 118 -7.13 0.45 -13.38
C THR A 118 -7.56 1.81 -12.84
N ILE A 119 -6.63 2.53 -12.24
CA ILE A 119 -6.91 3.84 -11.67
C ILE A 119 -6.77 4.90 -12.76
N MET A 120 -7.62 5.92 -12.69
CA MET A 120 -7.69 7.00 -13.67
C MET A 120 -7.70 8.32 -12.94
N PRO A 121 -7.37 9.42 -13.63
CA PRO A 121 -7.36 10.73 -12.95
C PRO A 121 -8.68 11.12 -12.31
N LYS A 122 -9.81 10.71 -12.89
CA LYS A 122 -11.09 11.05 -12.30
C LYS A 122 -11.29 10.41 -10.93
N ASP A 123 -10.66 9.26 -10.70
CA ASP A 123 -10.69 8.66 -9.36
C ASP A 123 -10.00 9.56 -8.34
N ILE A 124 -8.82 10.10 -8.70
CA ILE A 124 -8.12 11.01 -7.81
C ILE A 124 -8.94 12.27 -7.58
N GLN A 125 -9.57 12.78 -8.64
CA GLN A 125 -10.39 13.98 -8.49
C GLN A 125 -11.57 13.73 -7.56
N LEU A 126 -12.24 12.58 -7.70
CA LEU A 126 -13.36 12.26 -6.83
C LEU A 126 -12.92 12.11 -5.39
N ALA A 127 -11.79 11.44 -5.17
CA ALA A 127 -11.29 11.27 -3.80
C ALA A 127 -10.95 12.61 -3.16
N ARG A 128 -10.29 13.49 -3.92
CA ARG A 128 -9.92 14.79 -3.38
C ARG A 128 -11.15 15.66 -3.12
N ARG A 129 -12.19 15.51 -3.96
CA ARG A 129 -13.39 16.32 -3.77
C ARG A 129 -14.20 15.84 -2.58
N ILE A 130 -14.29 14.53 -2.39
CA ILE A 130 -15.04 14.01 -1.24
C ILE A 130 -14.29 14.29 0.06
N ARG A 131 -12.96 14.18 0.05
CA ARG A 131 -12.18 14.41 1.25
C ARG A 131 -12.36 15.82 1.80
N GLY A 132 -12.78 16.77 0.99
CA GLY A 132 -12.90 18.15 1.39
C GLY A 132 -11.75 19.04 0.99
N GLU A 133 -10.83 18.56 0.17
CA GLU A 133 -9.69 19.34 -0.30
C GLU A 133 -10.05 20.26 -1.45
N ARG A 134 -11.26 20.16 -1.99
CA ARG A 134 -11.66 20.98 -3.13
C ARG A 134 -13.12 21.41 -3.01
N ASP B 24 12.72 23.65 -12.89
CA ASP B 24 12.06 22.47 -13.42
C ASP B 24 12.58 21.21 -12.73
N ASN B 25 12.45 21.17 -11.41
CA ASN B 25 12.88 20.00 -10.66
C ASN B 25 11.74 19.03 -10.37
N ILE B 26 10.50 19.40 -10.69
CA ILE B 26 9.37 18.50 -10.49
C ILE B 26 9.50 17.28 -11.40
N GLN B 27 10.20 17.43 -12.53
CA GLN B 27 10.45 16.29 -13.40
C GLN B 27 11.45 15.31 -12.80
N GLY B 28 12.09 15.66 -11.68
CA GLY B 28 12.95 14.74 -10.97
C GLY B 28 12.21 13.69 -10.17
N ILE B 29 10.89 13.82 -10.03
CA ILE B 29 10.06 12.79 -9.42
C ILE B 29 9.67 11.84 -10.55
N THR B 30 10.48 10.82 -10.75
CA THR B 30 10.37 9.94 -11.91
C THR B 30 9.17 9.02 -11.78
N LYS B 31 8.71 8.54 -12.93
CA LYS B 31 7.59 7.59 -12.99
C LYS B 31 7.82 6.33 -12.16
N PRO B 32 9.01 5.71 -12.12
CA PRO B 32 9.20 4.58 -11.20
C PRO B 32 8.93 4.91 -9.73
N ALA B 33 9.26 6.12 -9.30
CA ALA B 33 8.97 6.49 -7.90
C ALA B 33 7.47 6.53 -7.63
N ILE B 34 6.71 7.10 -8.56
CA ILE B 34 5.25 7.12 -8.41
C ILE B 34 4.70 5.71 -8.44
N ARG B 35 5.29 4.85 -9.28
CA ARG B 35 4.88 3.45 -9.30
C ARG B 35 5.14 2.77 -7.96
N ARG B 36 6.29 3.03 -7.36
CA ARG B 36 6.60 2.45 -6.06
C ARG B 36 5.62 2.93 -4.99
N LEU B 37 5.29 4.23 -5.01
CA LEU B 37 4.33 4.77 -4.05
C LEU B 37 2.96 4.12 -4.23
N ALA B 38 2.53 3.95 -5.48
CA ALA B 38 1.25 3.30 -5.73
C ALA B 38 1.27 1.84 -5.28
N ARG B 39 2.40 1.15 -5.48
CA ARG B 39 2.50 -0.24 -5.04
C ARG B 39 2.39 -0.34 -3.52
N ARG B 40 3.05 0.58 -2.81
CA ARG B 40 2.86 0.60 -1.36
C ARG B 40 1.42 0.95 -0.98
N GLY B 41 0.74 1.74 -1.81
CA GLY B 41 -0.67 2.00 -1.60
C GLY B 41 -1.57 0.82 -1.82
N GLY B 42 -1.22 -0.08 -2.75
CA GLY B 42 -2.01 -1.27 -3.00
C GLY B 42 -2.65 -1.32 -4.37
N VAL B 43 -2.00 -0.73 -5.37
CA VAL B 43 -2.55 -0.58 -6.71
C VAL B 43 -1.87 -1.57 -7.64
N LYS B 44 -2.67 -2.25 -8.47
CA LYS B 44 -2.15 -3.21 -9.44
C LYS B 44 -1.84 -2.57 -10.79
N ARG B 45 -2.84 -1.93 -11.41
CA ARG B 45 -2.67 -1.34 -12.73
C ARG B 45 -2.80 0.18 -12.65
N ILE B 46 -1.99 0.85 -13.47
CA ILE B 46 -1.90 2.31 -13.46
C ILE B 46 -2.05 2.82 -14.88
N SER B 47 -2.94 3.78 -15.08
CA SER B 47 -3.09 4.46 -16.35
C SER B 47 -1.90 5.39 -16.60
N GLY B 48 -1.73 5.76 -17.86
CA GLY B 48 -0.60 6.57 -18.25
C GLY B 48 -0.70 8.05 -17.99
N LEU B 49 -1.84 8.53 -17.48
CA LEU B 49 -2.04 9.96 -17.22
C LEU B 49 -1.95 10.32 -15.74
N ILE B 50 -1.66 9.36 -14.87
CA ILE B 50 -1.70 9.59 -13.42
C ILE B 50 -0.58 10.53 -12.98
N TYR B 51 0.59 10.42 -13.62
CA TYR B 51 1.79 11.09 -13.11
C TYR B 51 1.64 12.61 -13.10
N GLU B 52 1.05 13.17 -14.16
CA GLU B 52 0.89 14.61 -14.24
C GLU B 52 -0.06 15.15 -13.17
N GLU B 53 -1.05 14.35 -12.77
CA GLU B 53 -1.93 14.76 -11.68
C GLU B 53 -1.22 14.66 -10.33
N THR B 54 -0.46 13.58 -10.13
CA THR B 54 0.27 13.38 -8.89
C THR B 54 1.27 14.52 -8.66
N ARG B 55 1.95 14.94 -9.72
CA ARG B 55 2.94 16.01 -9.58
C ARG B 55 2.28 17.31 -9.12
N GLY B 56 1.13 17.65 -9.69
CA GLY B 56 0.42 18.85 -9.26
C GLY B 56 -0.06 18.77 -7.83
N VAL B 57 -0.58 17.60 -7.43
CA VAL B 57 -1.01 17.42 -6.04
C VAL B 57 0.16 17.65 -5.08
N LEU B 58 1.33 17.07 -5.42
CA LEU B 58 2.51 17.24 -4.59
C LEU B 58 2.94 18.70 -4.54
N LYS B 59 2.87 19.40 -5.69
CA LYS B 59 3.20 20.82 -5.71
C LYS B 59 2.33 21.60 -4.73
N VAL B 60 1.01 21.36 -4.76
CA VAL B 60 0.11 22.11 -3.89
C VAL B 60 0.44 21.85 -2.43
N PHE B 61 0.61 20.57 -2.06
CA PHE B 61 0.91 20.23 -0.68
C PHE B 61 2.21 20.91 -0.21
N LEU B 62 3.27 20.78 -1.01
CA LEU B 62 4.55 21.35 -0.63
C LEU B 62 4.48 22.86 -0.52
N GLU B 63 3.78 23.51 -1.45
CA GLU B 63 3.67 24.96 -1.41
C GLU B 63 3.03 25.43 -0.12
N ASN B 64 1.91 24.80 0.27
CA ASN B 64 1.24 25.21 1.50
C ASN B 64 2.15 25.02 2.71
N VAL B 65 2.76 23.82 2.83
CA VAL B 65 3.57 23.54 4.02
C VAL B 65 4.75 24.48 4.11
N ILE B 66 5.43 24.70 2.97
CA ILE B 66 6.63 25.54 3.00
C ILE B 66 6.27 26.99 3.27
N ARG B 67 5.14 27.47 2.76
CA ARG B 67 4.72 28.84 3.07
C ARG B 67 4.53 29.01 4.57
N ASP B 68 3.84 28.05 5.21
CA ASP B 68 3.64 28.14 6.65
C ASP B 68 4.97 28.10 7.41
N ALA B 69 5.87 27.21 7.00
CA ALA B 69 7.15 27.09 7.68
C ALA B 69 7.99 28.36 7.52
N VAL B 70 7.94 28.97 6.34
CA VAL B 70 8.69 30.20 6.11
C VAL B 70 8.14 31.34 6.97
N THR B 71 6.82 31.43 7.10
CA THR B 71 6.26 32.46 7.97
C THR B 71 6.70 32.25 9.42
N TYR B 72 6.67 31.00 9.89
CA TYR B 72 7.15 30.72 11.24
C TYR B 72 8.61 31.10 11.41
N THR B 73 9.45 30.79 10.42
CA THR B 73 10.87 31.12 10.49
C THR B 73 11.08 32.63 10.52
N GLU B 74 10.35 33.36 9.68
CA GLU B 74 10.51 34.81 9.60
C GLU B 74 10.10 35.48 10.90
N HIS B 75 9.09 34.95 11.59
CA HIS B 75 8.66 35.56 12.84
C HIS B 75 9.79 35.61 13.87
N ALA B 76 10.67 34.61 13.88
CA ALA B 76 11.71 34.50 14.88
C ALA B 76 12.99 35.22 14.50
N LYS B 77 13.00 35.94 13.37
CA LYS B 77 14.16 36.68 12.89
C LYS B 77 15.37 35.76 12.70
N ARG B 78 15.19 34.76 11.84
CA ARG B 78 16.24 33.82 11.50
C ARG B 78 16.38 33.73 9.98
N LYS B 79 17.41 33.03 9.53
CA LYS B 79 17.62 32.75 8.12
C LYS B 79 17.73 31.27 7.83
N THR B 80 17.60 30.41 8.85
CA THR B 80 17.72 28.96 8.70
C THR B 80 16.39 28.34 9.11
N VAL B 81 15.81 27.51 8.25
CA VAL B 81 14.55 26.85 8.54
C VAL B 81 14.85 25.59 9.36
N THR B 82 14.51 25.61 10.64
CA THR B 82 14.76 24.48 11.51
C THR B 82 13.66 23.42 11.31
N ALA B 83 13.82 22.26 11.95
CA ALA B 83 12.81 21.23 11.90
C ALA B 83 11.60 21.54 12.76
N MET B 84 11.80 22.35 13.81
CA MET B 84 10.67 22.73 14.67
C MET B 84 9.66 23.57 13.90
N ASP B 85 10.13 24.44 13.00
CA ASP B 85 9.23 25.22 12.18
C ASP B 85 8.36 24.32 11.31
N VAL B 86 8.96 23.29 10.72
CA VAL B 86 8.20 22.35 9.89
C VAL B 86 7.20 21.57 10.75
N VAL B 87 7.62 21.16 11.95
CA VAL B 87 6.73 20.42 12.83
C VAL B 87 5.52 21.27 13.20
N TYR B 88 5.76 22.54 13.56
CA TYR B 88 4.65 23.44 13.90
C TYR B 88 3.75 23.70 12.71
N ALA B 89 4.33 23.88 11.52
CA ALA B 89 3.52 24.11 10.32
C ALA B 89 2.64 22.91 10.03
N LEU B 90 3.18 21.69 10.17
CA LEU B 90 2.38 20.50 9.95
C LEU B 90 1.29 20.35 11.01
N LYS B 91 1.61 20.68 12.27
CA LYS B 91 0.60 20.58 13.33
C LYS B 91 -0.53 21.58 13.11
N ARG B 92 -0.20 22.75 12.57
CA ARG B 92 -1.25 23.75 12.32
C ARG B 92 -2.26 23.27 11.29
N GLN B 93 -1.85 22.38 10.39
CA GLN B 93 -2.74 21.85 9.37
C GLN B 93 -3.42 20.56 9.76
N GLY B 94 -3.13 20.02 10.95
CA GLY B 94 -3.76 18.80 11.40
C GLY B 94 -3.08 17.54 10.89
N ARG B 95 -1.75 17.54 10.84
CA ARG B 95 -0.98 16.40 10.39
C ARG B 95 0.21 16.13 11.32
N THR B 96 -0.08 16.07 12.62
CA THR B 96 0.94 15.87 13.66
C THR B 96 1.92 14.76 13.27
N LEU B 97 3.20 15.03 13.49
CA LEU B 97 4.29 14.13 13.14
C LEU B 97 5.12 13.83 14.36
N TYR B 98 5.54 12.56 14.51
CA TYR B 98 6.32 12.11 15.63
C TYR B 98 7.72 11.71 15.17
N GLY B 99 8.72 12.08 15.96
CA GLY B 99 10.08 11.65 15.72
C GLY B 99 11.07 12.70 15.27
N PHE B 100 10.76 13.98 15.48
CA PHE B 100 11.69 15.04 15.11
C PHE B 100 11.77 16.17 16.12
N GLY B 101 11.23 15.99 17.32
CA GLY B 101 11.28 17.02 18.34
C GLY B 101 10.03 17.87 18.39
N ALA C 10 -5.76 68.52 38.56
CA ALA C 10 -6.84 68.84 37.61
C ALA C 10 -6.91 67.79 36.51
N ARG C 11 -7.84 66.84 36.66
CA ARG C 11 -8.01 65.78 35.69
C ARG C 11 -8.74 66.33 34.46
N ALA C 12 -8.06 66.30 33.32
CA ALA C 12 -8.67 66.80 32.09
C ALA C 12 -9.81 65.88 31.65
N LYS C 13 -10.55 66.33 30.64
CA LYS C 13 -11.67 65.55 30.14
C LYS C 13 -11.18 64.23 29.55
N ALA C 14 -11.94 63.17 29.78
CA ALA C 14 -11.59 61.85 29.30
C ALA C 14 -11.73 61.75 27.78
N LYS C 15 -11.16 60.71 27.20
CA LYS C 15 -11.26 60.47 25.76
C LYS C 15 -10.95 59.00 25.51
N THR C 16 -11.92 58.26 24.98
CA THR C 16 -11.74 56.83 24.75
C THR C 16 -10.67 56.59 23.70
N ARG C 17 -9.98 55.44 23.84
CA ARG C 17 -8.92 55.09 22.91
C ARG C 17 -9.45 54.76 21.52
N SER C 18 -10.72 54.36 21.42
CA SER C 18 -11.34 54.15 20.12
C SER C 18 -11.38 55.45 19.32
N SER C 19 -11.73 56.55 19.97
CA SER C 19 -11.73 57.85 19.30
C SER C 19 -10.32 58.25 18.88
N ARG C 20 -9.33 57.98 19.73
CA ARG C 20 -7.94 58.26 19.38
C ARG C 20 -7.48 57.47 18.17
N ALA C 21 -7.79 56.18 18.10
CA ALA C 21 -7.39 55.34 16.98
C ALA C 21 -8.30 55.49 15.77
N GLY C 22 -9.54 55.94 15.96
CA GLY C 22 -10.46 56.10 14.86
C GLY C 22 -11.20 54.84 14.49
N LEU C 23 -11.76 54.15 15.49
CA LEU C 23 -12.45 52.89 15.29
C LEU C 23 -13.84 52.95 15.92
N GLN C 24 -14.72 52.08 15.44
CA GLN C 24 -16.06 51.95 16.00
C GLN C 24 -16.24 50.72 16.88
N PHE C 25 -15.17 49.99 17.16
CA PHE C 25 -15.21 48.87 18.09
C PHE C 25 -14.50 49.25 19.39
N PRO C 26 -14.92 48.69 20.52
CA PRO C 26 -14.32 49.07 21.81
C PRO C 26 -12.90 48.53 21.94
N VAL C 27 -12.04 49.35 22.52
CA VAL C 27 -10.63 49.01 22.73
C VAL C 27 -10.37 48.58 24.17
N GLY C 28 -10.96 49.30 25.13
CA GLY C 28 -10.77 48.92 26.52
C GLY C 28 -11.38 47.57 26.86
N ARG C 29 -12.53 47.26 26.26
CA ARG C 29 -13.14 45.95 26.46
C ARG C 29 -12.27 44.84 25.90
N VAL C 30 -11.70 45.05 24.71
CA VAL C 30 -10.79 44.06 24.12
C VAL C 30 -9.57 43.89 24.99
N HIS C 31 -9.04 44.99 25.52
CA HIS C 31 -7.87 44.90 26.41
C HIS C 31 -8.21 44.09 27.67
N ARG C 32 -9.37 44.34 28.25
CA ARG C 32 -9.79 43.57 29.43
C ARG C 32 -9.94 42.09 29.11
N LEU C 33 -10.54 41.77 27.96
CA LEU C 33 -10.72 40.37 27.58
C LEU C 33 -9.38 39.69 27.36
N LEU C 34 -8.43 40.38 26.73
CA LEU C 34 -7.09 39.83 26.58
C LEU C 34 -6.42 39.62 27.93
N ARG C 35 -6.59 40.58 28.85
CA ARG C 35 -5.96 40.46 30.17
C ARG C 35 -6.51 39.30 30.98
N LYS C 36 -7.83 39.08 30.97
CA LYS C 36 -8.45 38.11 31.86
C LYS C 36 -8.71 36.79 31.16
N GLY C 37 -8.16 36.60 29.95
CA GLY C 37 -8.40 35.41 29.19
C GLY C 37 -7.38 34.29 29.33
N ASN C 38 -6.39 34.45 30.21
CA ASN C 38 -5.33 33.45 30.40
C ASN C 38 -4.59 33.17 29.11
N TYR C 39 -4.00 34.23 28.55
CA TYR C 39 -3.25 34.16 27.30
C TYR C 39 -1.77 34.40 27.46
N ALA C 40 -1.38 35.35 28.31
CA ALA C 40 0.03 35.66 28.56
C ALA C 40 0.12 36.36 29.90
N GLU C 41 1.35 36.41 30.42
CA GLU C 41 1.58 37.08 31.71
C GLU C 41 1.34 38.58 31.59
N ARG C 42 1.81 39.18 30.52
CA ARG C 42 1.69 40.62 30.30
C ARG C 42 1.24 40.89 28.88
N VAL C 43 0.51 42.00 28.71
CA VAL C 43 -0.10 42.35 27.43
C VAL C 43 0.42 43.72 26.99
N GLY C 44 0.92 43.78 25.77
CA GLY C 44 1.42 45.02 25.21
C GLY C 44 0.32 46.03 24.95
N ALA C 45 0.70 47.26 24.63
CA ALA C 45 -0.27 48.34 24.47
C ALA C 45 -0.73 48.56 23.03
N GLY C 46 -0.29 47.76 22.07
CA GLY C 46 -0.72 47.94 20.69
C GLY C 46 -1.57 46.82 20.16
N ALA C 47 -1.70 45.74 20.93
CA ALA C 47 -2.53 44.60 20.50
C ALA C 47 -4.00 44.95 20.38
N PRO C 48 -4.66 45.59 21.37
CA PRO C 48 -6.12 45.78 21.25
C PRO C 48 -6.55 46.58 20.03
N VAL C 49 -5.81 47.62 19.65
CA VAL C 49 -6.21 48.43 18.51
C VAL C 49 -6.09 47.62 17.21
N TYR C 50 -5.02 46.82 17.10
CA TYR C 50 -4.85 45.98 15.92
C TYR C 50 -5.98 44.96 15.82
N LEU C 51 -6.29 44.29 16.93
CA LEU C 51 -7.36 43.30 16.90
C LEU C 51 -8.71 43.92 16.57
N ALA C 52 -8.99 45.08 17.17
CA ALA C 52 -10.25 45.77 16.88
C ALA C 52 -10.34 46.18 15.42
N ALA C 53 -9.24 46.67 14.84
CA ALA C 53 -9.25 47.06 13.43
C ALA C 53 -9.52 45.86 12.53
N VAL C 54 -8.88 44.72 12.81
CA VAL C 54 -9.09 43.54 11.98
C VAL C 54 -10.54 43.07 12.07
N LEU C 55 -11.08 43.02 13.30
CA LEU C 55 -12.46 42.58 13.48
C LEU C 55 -13.43 43.51 12.77
N GLU C 56 -13.20 44.82 12.87
CA GLU C 56 -14.07 45.79 12.22
C GLU C 56 -14.03 45.64 10.70
N TYR C 57 -12.83 45.42 10.14
CA TYR C 57 -12.72 45.25 8.70
C TYR C 57 -13.50 44.03 8.22
N LEU C 58 -13.33 42.90 8.91
CA LEU C 58 -14.05 41.69 8.49
C LEU C 58 -15.56 41.87 8.62
N THR C 59 -15.99 42.51 9.72
CA THR C 59 -17.42 42.77 9.92
C THR C 59 -17.98 43.63 8.80
N ALA C 60 -17.27 44.70 8.43
CA ALA C 60 -17.74 45.58 7.37
C ALA C 60 -17.85 44.85 6.05
N GLU C 61 -16.86 44.01 5.73
CA GLU C 61 -16.91 43.25 4.48
C GLU C 61 -18.14 42.35 4.43
N ILE C 62 -18.35 41.57 5.49
CA ILE C 62 -19.49 40.65 5.49
C ILE C 62 -20.80 41.41 5.43
N LEU C 63 -20.90 42.52 6.18
CA LEU C 63 -22.13 43.30 6.18
C LEU C 63 -22.41 43.89 4.81
N GLU C 64 -21.39 44.37 4.10
CA GLU C 64 -21.61 44.92 2.77
C GLU C 64 -22.11 43.85 1.81
N LEU C 65 -21.49 42.66 1.85
CA LEU C 65 -21.96 41.59 0.97
C LEU C 65 -23.39 41.20 1.29
N ALA C 66 -23.72 41.08 2.58
CA ALA C 66 -25.07 40.71 2.98
C ALA C 66 -26.08 41.78 2.56
N GLY C 67 -25.70 43.05 2.67
CA GLY C 67 -26.60 44.12 2.25
C GLY C 67 -26.88 44.10 0.77
N ASN C 68 -25.84 43.86 -0.04
CA ASN C 68 -26.06 43.73 -1.48
C ASN C 68 -26.99 42.56 -1.79
N ALA C 69 -26.74 41.41 -1.14
CA ALA C 69 -27.58 40.25 -1.37
C ALA C 69 -29.03 40.52 -0.98
N ALA C 70 -29.24 41.24 0.13
CA ALA C 70 -30.59 41.60 0.54
C ALA C 70 -31.25 42.53 -0.47
N ARG C 71 -30.50 43.52 -0.96
CA ARG C 71 -31.07 44.47 -1.91
C ARG C 71 -31.45 43.77 -3.22
N ASP C 72 -30.75 42.71 -3.58
CA ASP C 72 -31.11 41.96 -4.79
C ASP C 72 -32.51 41.34 -4.68
N ASN C 73 -33.01 41.11 -3.47
CA ASN C 73 -34.27 40.40 -3.27
C ASN C 73 -35.43 41.35 -2.94
N LYS C 74 -35.25 42.66 -3.15
CA LYS C 74 -36.30 43.66 -2.96
C LYS C 74 -36.81 43.68 -1.51
N LYS C 75 -35.85 43.72 -0.59
CA LYS C 75 -36.16 43.85 0.83
C LYS C 75 -35.23 44.89 1.44
N THR C 76 -35.60 45.34 2.63
CA THR C 76 -34.84 46.36 3.35
C THR C 76 -34.19 45.86 4.63
N ARG C 77 -34.41 44.60 4.99
CA ARG C 77 -33.77 44.01 6.15
C ARG C 77 -32.84 42.87 5.74
N ILE C 78 -32.06 42.39 6.70
CA ILE C 78 -31.10 41.32 6.49
C ILE C 78 -31.51 40.13 7.36
N ILE C 79 -31.61 38.96 6.73
CA ILE C 79 -32.00 37.73 7.41
C ILE C 79 -30.86 36.74 7.28
N PRO C 80 -30.88 35.61 8.02
CA PRO C 80 -29.75 34.66 7.89
C PRO C 80 -29.54 34.12 6.48
N ARG C 81 -30.59 34.08 5.67
CA ARG C 81 -30.43 33.63 4.29
C ARG C 81 -29.49 34.52 3.51
N HIS C 82 -29.60 35.84 3.70
CA HIS C 82 -28.71 36.76 3.01
C HIS C 82 -27.26 36.57 3.43
N LEU C 83 -27.03 36.36 4.73
CA LEU C 83 -25.67 36.09 5.19
C LEU C 83 -25.13 34.79 4.60
N GLN C 84 -25.96 33.75 4.56
CA GLN C 84 -25.52 32.48 3.98
C GLN C 84 -25.18 32.63 2.51
N LEU C 85 -26.03 33.34 1.76
CA LEU C 85 -25.77 33.56 0.34
C LEU C 85 -24.47 34.34 0.14
N ALA C 86 -24.27 35.39 0.93
CA ALA C 86 -23.06 36.20 0.81
C ALA C 86 -21.81 35.38 1.12
N ILE C 87 -21.87 34.56 2.17
CA ILE C 87 -20.70 33.78 2.55
C ILE C 87 -20.39 32.71 1.51
N ARG C 88 -21.41 31.98 1.05
CA ARG C 88 -21.17 30.87 0.15
C ARG C 88 -20.99 31.32 -1.31
N ASN C 89 -21.26 32.58 -1.61
CA ASN C 89 -21.06 33.11 -2.96
C ASN C 89 -19.69 33.73 -3.15
N ASP C 90 -18.87 33.79 -2.10
CA ASP C 90 -17.53 34.36 -2.17
C ASP C 90 -16.49 33.27 -2.02
N GLU C 91 -15.38 33.41 -2.75
CA GLU C 91 -14.31 32.42 -2.77
C GLU C 91 -13.42 32.49 -1.54
N GLU C 92 -13.27 33.66 -0.92
CA GLU C 92 -12.38 33.85 0.21
C GLU C 92 -13.07 33.65 1.55
N LEU C 93 -14.31 34.10 1.69
CA LEU C 93 -15.03 33.92 2.95
C LEU C 93 -15.54 32.49 3.11
N ASN C 94 -15.70 31.74 2.01
CA ASN C 94 -16.11 30.36 2.09
C ASN C 94 -14.99 29.43 2.53
N LYS C 95 -13.74 29.88 2.45
CA LYS C 95 -12.59 29.12 2.93
C LYS C 95 -12.27 29.40 4.39
N LEU C 96 -12.54 30.63 4.86
CA LEU C 96 -12.35 30.96 6.26
C LEU C 96 -13.43 30.36 7.15
N LEU C 97 -14.64 30.17 6.61
CA LEU C 97 -15.77 29.62 7.36
C LEU C 97 -16.25 28.33 6.72
N GLY C 98 -15.31 27.47 6.37
CA GLY C 98 -15.63 26.22 5.69
C GLY C 98 -16.41 25.23 6.52
N LYS C 99 -16.10 25.15 7.81
CA LYS C 99 -16.70 24.16 8.70
C LYS C 99 -17.73 24.76 9.66
N VAL C 100 -18.39 25.85 9.27
CA VAL C 100 -19.35 26.54 10.12
C VAL C 100 -20.74 26.37 9.53
N THR C 101 -21.70 26.02 10.39
CA THR C 101 -23.10 25.87 10.01
C THR C 101 -23.88 27.07 10.52
N ILE C 102 -24.73 27.62 9.66
CA ILE C 102 -25.56 28.78 9.98
C ILE C 102 -26.99 28.32 10.15
N ALA C 103 -27.58 28.65 11.29
CA ALA C 103 -28.96 28.25 11.57
C ALA C 103 -29.93 29.00 10.66
N GLN C 104 -30.84 28.26 10.03
CA GLN C 104 -31.83 28.82 9.11
C GLN C 104 -31.15 29.53 7.94
N GLY C 105 -30.19 28.85 7.33
CA GLY C 105 -29.44 29.42 6.22
C GLY C 105 -29.72 28.75 4.90
N GLY C 106 -30.07 27.46 4.93
CA GLY C 106 -30.34 26.76 3.69
C GLY C 106 -29.07 26.42 2.94
N VAL C 107 -29.22 26.18 1.63
CA VAL C 107 -28.13 25.79 0.75
C VAL C 107 -28.14 26.70 -0.46
N LEU C 108 -27.21 26.44 -1.39
CA LEU C 108 -27.06 27.15 -2.65
C LEU C 108 -27.72 26.37 -3.78
N PRO C 109 -28.37 27.05 -4.72
CA PRO C 109 -28.97 26.33 -5.86
C PRO C 109 -27.90 25.66 -6.71
N ASN C 110 -28.05 24.35 -6.87
CA ASN C 110 -27.07 23.56 -7.62
C ASN C 110 -27.70 22.24 -8.02
N ILE C 111 -27.77 21.99 -9.32
CA ILE C 111 -28.27 20.72 -9.86
C ILE C 111 -27.21 20.15 -10.79
N GLN C 112 -26.93 18.85 -10.64
CA GLN C 112 -25.99 18.18 -11.51
C GLN C 112 -26.52 18.14 -12.94
N ALA C 113 -25.60 18.22 -13.91
CA ALA C 113 -25.99 18.26 -15.31
C ALA C 113 -26.49 16.91 -15.82
N VAL C 114 -26.11 15.80 -15.18
CA VAL C 114 -26.55 14.48 -15.63
C VAL C 114 -28.04 14.26 -15.40
N LEU C 115 -28.60 14.73 -14.29
CA LEU C 115 -30.00 14.53 -13.97
C LEU C 115 -30.93 15.37 -14.82
N LEU C 116 -30.48 16.52 -15.30
CA LEU C 116 -31.32 17.40 -16.12
C LEU C 116 -31.51 16.81 -17.52
N ARG D 31 -30.34 42.04 39.80
CA ARG D 31 -30.36 41.50 38.40
C ARG D 31 -28.98 41.71 37.75
N SER D 32 -28.55 40.76 36.90
CA SER D 32 -27.25 40.85 36.24
C SER D 32 -27.44 41.25 34.78
N ARG D 33 -26.49 42.05 34.29
CA ARG D 33 -26.53 42.55 32.92
C ARG D 33 -25.36 41.97 32.12
N LYS D 34 -25.67 41.52 30.91
CA LYS D 34 -24.71 40.85 30.05
C LYS D 34 -24.24 41.84 28.99
N GLU D 35 -23.27 41.42 28.17
CA GLU D 35 -22.66 42.29 27.19
C GLU D 35 -22.70 41.63 25.82
N SER D 36 -22.64 42.45 24.78
CA SER D 36 -22.65 41.97 23.40
C SER D 36 -21.99 43.02 22.53
N TYR D 37 -21.96 42.77 21.22
CA TYR D 37 -21.37 43.66 20.24
C TYR D 37 -22.41 44.34 19.36
N SER D 38 -23.67 44.38 19.79
CA SER D 38 -24.76 44.81 18.91
C SER D 38 -24.58 46.25 18.45
N VAL D 39 -24.22 47.15 19.38
CA VAL D 39 -24.19 48.58 19.06
C VAL D 39 -23.09 48.86 18.03
N TYR D 40 -21.92 48.23 18.17
CA TYR D 40 -20.84 48.47 17.23
C TYR D 40 -21.14 47.86 15.86
N VAL D 41 -21.78 46.69 15.83
CA VAL D 41 -22.20 46.10 14.56
C VAL D 41 -23.20 46.99 13.85
N TYR D 42 -24.12 47.57 14.61
CA TYR D 42 -25.13 48.49 14.02
C TYR D 42 -24.44 49.74 13.50
N LYS D 43 -23.47 50.27 14.24
CA LYS D 43 -22.74 51.45 13.80
C LYS D 43 -21.98 51.18 12.50
N VAL D 44 -21.36 50.00 12.40
CA VAL D 44 -20.64 49.66 11.17
C VAL D 44 -21.62 49.47 10.02
N LEU D 45 -22.79 48.87 10.29
CA LEU D 45 -23.79 48.69 9.25
C LEU D 45 -24.28 50.02 8.71
N LYS D 46 -24.49 50.99 9.58
CA LYS D 46 -25.00 52.28 9.12
C LYS D 46 -24.02 53.05 8.24
N GLN D 47 -22.72 52.75 8.20
CA GLN D 47 -21.80 53.45 7.32
C GLN D 47 -21.72 52.86 5.92
N VAL D 48 -22.29 51.69 5.68
CA VAL D 48 -22.27 51.07 4.36
C VAL D 48 -23.66 50.86 3.78
N HIS D 49 -24.72 50.92 4.60
CA HIS D 49 -26.08 50.76 4.13
C HIS D 49 -27.03 51.53 5.04
N PRO D 50 -27.11 52.85 4.90
CA PRO D 50 -27.97 53.64 5.81
C PRO D 50 -29.44 53.29 5.71
N ASP D 51 -29.88 52.69 4.61
CA ASP D 51 -31.30 52.36 4.46
C ASP D 51 -31.62 50.99 5.04
N THR D 52 -30.65 50.08 5.08
CA THR D 52 -30.91 48.69 5.41
C THR D 52 -30.94 48.48 6.92
N GLY D 53 -31.93 47.71 7.39
CA GLY D 53 -32.00 47.26 8.75
C GLY D 53 -31.50 45.83 8.91
N ILE D 54 -31.75 45.27 10.08
CA ILE D 54 -31.28 43.92 10.40
C ILE D 54 -32.20 43.35 11.47
N SER D 55 -32.34 42.02 11.46
CA SER D 55 -33.14 41.31 12.46
C SER D 55 -32.24 40.86 13.61
N SER D 56 -32.85 40.26 14.64
CA SER D 56 -32.11 39.83 15.82
C SER D 56 -31.31 38.55 15.60
N LYS D 57 -31.82 37.64 14.77
CA LYS D 57 -31.10 36.40 14.50
C LYS D 57 -29.77 36.68 13.82
N ALA D 58 -29.77 37.59 12.85
CA ALA D 58 -28.52 37.97 12.20
C ALA D 58 -27.57 38.63 13.18
N MET D 59 -28.11 39.36 14.16
CA MET D 59 -27.26 39.98 15.17
C MET D 59 -26.59 38.93 16.06
N GLY D 60 -27.34 37.91 16.46
CA GLY D 60 -26.74 36.82 17.21
C GLY D 60 -25.68 36.08 16.42
N ILE D 61 -25.95 35.85 15.13
CA ILE D 61 -24.96 35.19 14.28
C ILE D 61 -23.69 36.03 14.17
N MET D 62 -23.85 37.35 14.02
CA MET D 62 -22.68 38.21 13.91
C MET D 62 -21.88 38.22 15.20
N ASN D 63 -22.56 38.22 16.35
CA ASN D 63 -21.86 38.14 17.63
C ASN D 63 -21.06 36.85 17.75
N SER D 64 -21.66 35.72 17.35
CA SER D 64 -20.95 34.44 17.40
C SER D 64 -19.73 34.47 16.49
N PHE D 65 -19.87 35.05 15.31
CA PHE D 65 -18.74 35.15 14.38
C PHE D 65 -17.60 35.97 14.98
N VAL D 66 -17.94 37.11 15.57
CA VAL D 66 -16.91 37.97 16.16
C VAL D 66 -16.18 37.25 17.29
N ASN D 67 -16.93 36.56 18.14
CA ASN D 67 -16.31 35.81 19.24
C ASN D 67 -15.39 34.72 18.71
N ASP D 68 -15.83 33.98 17.70
CA ASP D 68 -15.01 32.91 17.13
C ASP D 68 -13.69 33.46 16.58
N ILE D 69 -13.76 34.54 15.81
CA ILE D 69 -12.54 35.10 15.22
C ILE D 69 -11.60 35.61 16.31
N PHE D 70 -12.16 36.28 17.33
CA PHE D 70 -11.33 36.78 18.42
C PHE D 70 -10.59 35.63 19.10
N GLU D 71 -11.30 34.54 19.41
CA GLU D 71 -10.67 33.41 20.09
C GLU D 71 -9.58 32.79 19.23
N ARG D 72 -9.84 32.62 17.93
CA ARG D 72 -8.83 32.06 17.04
C ARG D 72 -7.55 32.88 17.07
N ILE D 73 -7.68 34.20 16.88
CA ILE D 73 -6.50 35.05 16.79
C ILE D 73 -5.75 35.06 18.12
N ALA D 74 -6.48 35.15 19.23
CA ALA D 74 -5.83 35.19 20.54
C ALA D 74 -5.08 33.90 20.82
N GLY D 75 -5.67 32.75 20.49
CA GLY D 75 -4.98 31.48 20.72
C GLY D 75 -3.72 31.35 19.88
N GLU D 76 -3.81 31.74 18.61
CA GLU D 76 -2.62 31.67 17.75
C GLU D 76 -1.51 32.58 18.29
N ALA D 77 -1.88 33.80 18.71
CA ALA D 77 -0.87 34.71 19.26
C ALA D 77 -0.25 34.16 20.54
N SER D 78 -1.06 33.52 21.39
CA SER D 78 -0.52 32.92 22.61
C SER D 78 0.49 31.84 22.30
N ARG D 79 0.17 30.96 21.35
CA ARG D 79 1.13 29.91 20.98
C ARG D 79 2.39 30.49 20.37
N LEU D 80 2.26 31.52 19.54
CA LEU D 80 3.44 32.18 18.97
C LEU D 80 4.32 32.77 20.06
N ALA D 81 3.70 33.38 21.08
CA ALA D 81 4.47 33.92 22.20
C ALA D 81 5.18 32.81 22.96
N HIS D 82 4.51 31.69 23.17
CA HIS D 82 5.10 30.60 23.94
C HIS D 82 6.28 29.97 23.20
N TYR D 83 6.20 29.92 21.87
CA TYR D 83 7.27 29.25 21.11
C TYR D 83 8.63 29.94 21.25
N ASN D 84 8.67 31.26 21.44
CA ASN D 84 9.94 31.99 21.45
C ASN D 84 10.41 32.36 22.85
N LYS D 85 9.89 31.69 23.88
CA LYS D 85 10.27 31.94 25.27
C LYS D 85 10.08 33.42 25.62
N ARG D 86 8.84 33.89 25.53
CA ARG D 86 8.49 35.25 25.88
C ARG D 86 7.21 35.24 26.71
N SER D 87 7.02 36.33 27.47
CA SER D 87 5.89 36.45 28.37
C SER D 87 5.00 37.65 28.06
N THR D 88 5.14 38.26 26.90
CA THR D 88 4.33 39.41 26.53
C THR D 88 3.75 39.20 25.14
N ILE D 89 2.58 39.79 24.91
CA ILE D 89 1.90 39.73 23.62
C ILE D 89 1.89 41.13 23.03
N THR D 90 2.45 41.27 21.83
CA THR D 90 2.63 42.56 21.18
C THR D 90 1.94 42.52 19.81
N SER D 91 1.97 43.66 19.11
CA SER D 91 1.31 43.77 17.82
C SER D 91 2.01 42.93 16.75
N ARG D 92 3.30 42.64 16.93
CA ARG D 92 4.01 41.79 15.98
C ARG D 92 3.40 40.39 15.92
N GLU D 93 3.09 39.82 17.09
CA GLU D 93 2.48 38.49 17.12
C GLU D 93 1.07 38.53 16.56
N ILE D 94 0.33 39.62 16.79
CA ILE D 94 -1.00 39.74 16.21
C ILE D 94 -0.92 39.77 14.70
N GLN D 95 0.04 40.52 14.15
CA GLN D 95 0.22 40.56 12.71
C GLN D 95 0.59 39.19 12.15
N THR D 96 1.49 38.48 12.84
CA THR D 96 1.87 37.14 12.39
C THR D 96 0.68 36.19 12.40
N ALA D 97 -0.14 36.26 13.45
CA ALA D 97 -1.32 35.40 13.53
C ALA D 97 -2.32 35.74 12.43
N VAL D 98 -2.49 37.03 12.14
CA VAL D 98 -3.39 37.43 11.05
C VAL D 98 -2.88 36.87 9.72
N ARG D 99 -1.57 36.96 9.49
CA ARG D 99 -1.01 36.39 8.25
C ARG D 99 -1.20 34.89 8.19
N LEU D 100 -1.11 34.21 9.34
CA LEU D 100 -1.21 32.75 9.35
C LEU D 100 -2.65 32.29 9.13
N LEU D 101 -3.63 33.04 9.64
CA LEU D 101 -5.00 32.55 9.62
C LEU D 101 -5.75 32.98 8.36
N LEU D 102 -5.66 34.25 7.98
CA LEU D 102 -6.49 34.74 6.89
C LEU D 102 -5.92 34.32 5.54
N PRO D 103 -6.79 34.05 4.56
CA PRO D 103 -6.31 33.64 3.24
C PRO D 103 -6.18 34.79 2.25
N GLY D 104 -5.13 34.77 1.44
CA GLY D 104 -5.05 35.63 0.27
C GLY D 104 -5.08 37.11 0.57
N GLU D 105 -5.96 37.83 -0.11
CA GLU D 105 -5.97 39.29 -0.05
C GLU D 105 -6.53 39.79 1.28
N LEU D 106 -7.29 38.95 1.97
CA LEU D 106 -7.87 39.31 3.25
C LEU D 106 -6.76 39.65 4.25
N ALA D 107 -5.71 38.84 4.27
CA ALA D 107 -4.58 39.09 5.15
C ALA D 107 -3.91 40.42 4.84
N LYS D 108 -3.72 40.71 3.55
CA LYS D 108 -3.11 41.96 3.11
C LYS D 108 -3.90 43.17 3.59
N HIS D 109 -5.20 43.16 3.31
CA HIS D 109 -6.04 44.30 3.69
C HIS D 109 -6.13 44.44 5.21
N ALA D 110 -6.23 43.33 5.93
CA ALA D 110 -6.30 43.39 7.39
C ALA D 110 -5.00 43.94 7.98
N VAL D 111 -3.87 43.52 7.43
CA VAL D 111 -2.57 44.03 7.92
C VAL D 111 -2.48 45.53 7.67
N SER D 112 -2.90 45.97 6.49
CA SER D 112 -2.87 47.40 6.18
C SER D 112 -3.75 48.20 7.14
N GLU D 113 -4.96 47.70 7.40
CA GLU D 113 -5.88 48.39 8.32
C GLU D 113 -5.30 48.47 9.73
N GLY D 114 -4.75 47.35 10.21
CA GLY D 114 -4.18 47.35 11.55
C GLY D 114 -2.98 48.27 11.66
N THR D 115 -2.12 48.28 10.65
CA THR D 115 -0.96 49.17 10.64
C THR D 115 -1.40 50.63 10.69
N LYS D 116 -2.40 50.99 9.88
CA LYS D 116 -2.90 52.36 9.87
C LYS D 116 -3.48 52.73 11.24
N ALA D 117 -4.26 51.83 11.82
CA ALA D 117 -4.87 52.11 13.12
C ALA D 117 -3.81 52.33 14.20
N VAL D 118 -2.80 51.46 14.23
CA VAL D 118 -1.75 51.58 15.25
C VAL D 118 -0.97 52.87 15.04
N THR D 119 -0.62 53.18 13.79
CA THR D 119 0.14 54.39 13.51
C THR D 119 -0.64 55.63 13.93
N LYS D 120 -1.93 55.69 13.59
CA LYS D 120 -2.74 56.83 13.99
C LYS D 120 -2.94 56.92 15.50
N TYR D 121 -3.03 55.79 16.20
CA TYR D 121 -3.18 55.81 17.65
C TYR D 121 -1.92 56.25 18.38
N THR D 122 -0.75 55.79 17.95
CA THR D 122 0.49 56.16 18.63
C THR D 122 0.79 57.66 18.56
N SER D 123 0.54 58.30 17.41
CA SER D 123 0.88 59.71 17.23
C SER D 123 0.16 60.61 18.23
N SER D 124 -1.16 60.44 18.35
CA SER D 124 -1.94 61.24 19.29
C SER D 124 -1.60 60.91 20.73
N ARG E 40 -51.02 13.43 -17.11
CA ARG E 40 -49.87 12.79 -16.44
C ARG E 40 -48.56 13.46 -16.83
N TYR E 41 -47.57 13.33 -15.95
CA TYR E 41 -46.21 13.77 -16.20
C TYR E 41 -45.28 12.57 -16.28
N ARG E 42 -44.34 12.63 -17.23
CA ARG E 42 -43.34 11.57 -17.32
C ARG E 42 -42.43 11.60 -16.10
N PRO E 43 -41.94 10.44 -15.66
CA PRO E 43 -41.04 10.41 -14.50
C PRO E 43 -39.80 11.26 -14.75
N GLY E 44 -39.36 11.94 -13.70
CA GLY E 44 -38.23 12.84 -13.79
C GLY E 44 -38.56 14.30 -13.98
N THR E 45 -39.83 14.68 -13.92
CA THR E 45 -40.24 16.07 -14.01
C THR E 45 -40.74 16.62 -12.68
N VAL E 46 -41.49 15.83 -11.91
CA VAL E 46 -41.90 16.25 -10.58
C VAL E 46 -40.69 16.30 -9.65
N ALA E 47 -39.73 15.39 -9.83
CA ALA E 47 -38.54 15.37 -8.99
C ALA E 47 -37.73 16.65 -9.15
N LEU E 48 -37.57 17.13 -10.39
CA LEU E 48 -36.85 18.37 -10.60
C LEU E 48 -37.58 19.56 -9.98
N ARG E 49 -38.92 19.52 -10.06
CA ARG E 49 -39.74 20.59 -9.44
C ARG E 49 -39.54 20.59 -7.94
N GLU E 50 -39.50 19.41 -7.31
CA GLU E 50 -39.29 19.32 -5.87
C GLU E 50 -37.88 19.74 -5.48
N ILE E 51 -36.89 19.39 -6.30
CA ILE E 51 -35.52 19.81 -6.02
C ILE E 51 -35.42 21.33 -6.05
N ARG E 52 -35.98 21.96 -7.08
CA ARG E 52 -35.95 23.42 -7.18
C ARG E 52 -36.73 24.07 -6.03
N ARG E 53 -37.84 23.45 -5.62
CA ARG E 53 -38.63 24.00 -4.52
C ARG E 53 -37.86 23.94 -3.21
N TYR E 54 -37.19 22.82 -2.94
CA TYR E 54 -36.55 22.62 -1.65
C TYR E 54 -35.15 23.22 -1.57
N GLN E 55 -34.54 23.56 -2.70
CA GLN E 55 -33.30 24.31 -2.65
C GLN E 55 -33.52 25.79 -2.43
N LYS E 56 -34.77 26.25 -2.48
CA LYS E 56 -35.12 27.66 -2.29
C LYS E 56 -35.59 27.97 -0.88
N SER E 57 -36.21 27.02 -0.19
CA SER E 57 -36.77 27.23 1.14
C SER E 57 -35.70 27.04 2.20
N THR E 58 -36.06 27.37 3.45
CA THR E 58 -35.11 27.30 4.55
C THR E 58 -35.70 26.76 5.86
N GLU E 59 -36.89 26.14 5.82
CA GLU E 59 -37.47 25.62 7.04
C GLU E 59 -36.89 24.26 7.39
N LEU E 60 -37.33 23.71 8.53
CA LEU E 60 -36.94 22.38 8.92
C LEU E 60 -37.83 21.34 8.23
N LEU E 61 -37.20 20.24 7.81
CA LEU E 61 -37.88 19.21 7.06
C LEU E 61 -38.26 17.99 7.88
N ILE E 62 -38.18 18.06 9.20
CA ILE E 62 -38.56 16.95 10.08
C ILE E 62 -39.51 17.48 11.14
N ARG E 63 -40.44 16.63 11.58
CA ARG E 63 -41.39 16.99 12.60
C ARG E 63 -40.71 17.09 13.97
N LYS E 64 -41.34 17.87 14.85
CA LYS E 64 -40.70 18.24 16.12
C LYS E 64 -40.92 17.20 17.21
N LEU E 65 -42.17 16.77 17.42
CA LEU E 65 -42.44 15.81 18.48
C LEU E 65 -41.72 14.48 18.33
N PRO E 66 -41.70 13.82 17.16
CA PRO E 66 -40.91 12.58 17.04
C PRO E 66 -39.43 12.80 17.32
N PHE E 67 -38.87 13.93 16.88
CA PHE E 67 -37.46 14.20 17.14
C PHE E 67 -37.21 14.37 18.63
N GLN E 68 -38.09 15.09 19.32
CA GLN E 68 -37.95 15.25 20.77
C GLN E 68 -38.04 13.90 21.48
N ARG E 69 -38.99 13.06 21.06
CA ARG E 69 -39.11 11.74 21.65
C ARG E 69 -37.84 10.93 21.46
N LEU E 70 -37.28 10.95 20.24
CA LEU E 70 -36.05 10.21 19.97
C LEU E 70 -34.89 10.74 20.81
N VAL E 71 -34.78 12.05 20.94
CA VAL E 71 -33.70 12.66 21.71
C VAL E 71 -33.80 12.23 23.17
N ARG E 72 -34.99 12.30 23.75
CA ARG E 72 -35.16 11.91 25.15
C ARG E 72 -34.90 10.42 25.34
N GLU E 73 -35.35 9.59 24.40
CA GLU E 73 -35.15 8.15 24.51
C GLU E 73 -33.67 7.79 24.44
N ILE E 74 -32.92 8.50 23.61
CA ILE E 74 -31.48 8.27 23.54
C ILE E 74 -30.80 8.75 24.82
N ALA E 75 -31.19 9.94 25.29
CA ALA E 75 -30.54 10.52 26.47
C ALA E 75 -30.82 9.75 27.74
N GLN E 76 -31.91 8.97 27.78
CA GLN E 76 -32.22 8.20 28.98
C GLN E 76 -31.13 7.19 29.33
N ASP E 77 -30.28 6.82 28.38
CA ASP E 77 -29.30 5.75 28.58
C ASP E 77 -28.04 6.20 29.32
N PHE E 78 -27.88 7.49 29.57
CA PHE E 78 -26.70 7.99 30.26
C PHE E 78 -26.99 8.54 31.65
N LYS E 79 -28.13 9.19 31.84
CA LYS E 79 -28.52 9.68 33.15
C LYS E 79 -30.03 9.79 33.20
N THR E 80 -30.59 9.43 34.36
CA THR E 80 -32.02 9.43 34.58
C THR E 80 -32.48 10.80 35.08
N ASP E 81 -33.73 11.13 34.76
CA ASP E 81 -34.38 12.37 35.21
C ASP E 81 -33.62 13.60 34.72
N LEU E 82 -33.53 13.72 33.39
CA LEU E 82 -32.91 14.86 32.75
C LEU E 82 -33.97 15.78 32.18
N ARG E 83 -33.81 17.08 32.42
CA ARG E 83 -34.66 18.09 31.83
C ARG E 83 -33.96 18.71 30.63
N PHE E 84 -34.75 19.34 29.76
CA PHE E 84 -34.22 19.89 28.51
C PHE E 84 -34.78 21.28 28.29
N GLN E 85 -33.92 22.21 27.89
CA GLN E 85 -34.37 23.54 27.50
C GLN E 85 -35.11 23.49 26.17
N SER E 86 -35.67 24.61 25.74
CA SER E 86 -36.42 24.68 24.50
C SER E 86 -35.56 24.90 23.27
N SER E 87 -34.27 25.21 23.44
CA SER E 87 -33.41 25.52 22.30
C SER E 87 -32.37 24.45 22.04
N ALA E 88 -32.08 23.59 23.03
CA ALA E 88 -31.12 22.51 22.81
C ALA E 88 -31.60 21.54 21.74
N VAL E 89 -32.89 21.18 21.78
CA VAL E 89 -33.43 20.26 20.80
C VAL E 89 -33.42 20.91 19.41
N MET E 90 -33.70 22.21 19.34
CA MET E 90 -33.66 22.90 18.06
C MET E 90 -32.24 22.90 17.48
N ALA E 91 -31.24 23.17 18.32
CA ALA E 91 -29.86 23.14 17.85
C ALA E 91 -29.47 21.75 17.35
N LEU E 92 -29.87 20.72 18.10
CA LEU E 92 -29.59 19.35 17.67
C LEU E 92 -30.24 19.05 16.33
N GLN E 93 -31.49 19.50 16.14
CA GLN E 93 -32.18 19.26 14.88
C GLN E 93 -31.47 19.96 13.71
N GLU E 94 -31.06 21.21 13.91
CA GLU E 94 -30.35 21.92 12.85
C GLU E 94 -29.06 21.21 12.47
N ALA E 95 -28.28 20.81 13.48
CA ALA E 95 -27.00 20.15 13.20
C ALA E 95 -27.21 18.84 12.45
N SER E 96 -28.20 18.05 12.90
CA SER E 96 -28.47 16.76 12.27
C SER E 96 -28.90 16.94 10.81
N GLU E 97 -29.78 17.91 10.56
CA GLU E 97 -30.25 18.12 9.19
C GLU E 97 -29.12 18.56 8.26
N ALA E 98 -28.26 19.46 8.74
CA ALA E 98 -27.12 19.88 7.92
C ALA E 98 -26.20 18.70 7.63
N TYR E 99 -25.94 17.87 8.63
CA TYR E 99 -25.11 16.69 8.43
C TYR E 99 -25.69 15.78 7.36
N LEU E 100 -26.99 15.51 7.45
CA LEU E 100 -27.61 14.60 6.48
C LEU E 100 -27.59 15.17 5.08
N VAL E 101 -27.82 16.48 4.94
CA VAL E 101 -27.82 17.09 3.60
C VAL E 101 -26.43 16.97 2.97
N GLY E 102 -25.39 17.25 3.75
CA GLY E 102 -24.03 17.10 3.23
C GLY E 102 -23.73 15.66 2.83
N LEU E 103 -24.14 14.71 3.68
CA LEU E 103 -23.93 13.29 3.37
C LEU E 103 -24.62 12.91 2.07
N PHE E 104 -25.85 13.39 1.86
CA PHE E 104 -26.58 13.04 0.64
C PHE E 104 -25.93 13.66 -0.59
N GLU E 105 -25.37 14.87 -0.46
CA GLU E 105 -24.64 15.44 -1.59
C GLU E 105 -23.44 14.58 -1.97
N ASP E 106 -22.67 14.14 -0.97
CA ASP E 106 -21.52 13.28 -1.26
C ASP E 106 -21.98 11.95 -1.87
N THR E 107 -23.08 11.40 -1.37
CA THR E 107 -23.62 10.15 -1.91
C THR E 107 -24.02 10.31 -3.37
N ASN E 108 -24.63 11.45 -3.72
CA ASN E 108 -24.99 11.71 -5.11
C ASN E 108 -23.74 11.77 -5.99
N LEU E 109 -22.68 12.41 -5.51
CA LEU E 109 -21.43 12.42 -6.27
C LEU E 109 -20.94 10.98 -6.52
N ALA E 110 -20.96 10.17 -5.47
CA ALA E 110 -20.53 8.78 -5.59
C ALA E 110 -21.37 8.03 -6.63
N ALA E 111 -22.69 8.25 -6.59
CA ALA E 111 -23.58 7.56 -7.52
C ALA E 111 -23.32 7.98 -8.96
N ILE E 112 -23.07 9.27 -9.18
CA ILE E 112 -22.78 9.75 -10.53
C ILE E 112 -21.48 9.14 -11.04
N HIS E 113 -20.50 8.94 -10.14
CA HIS E 113 -19.24 8.33 -10.54
C HIS E 113 -19.43 6.97 -11.22
N ALA E 114 -20.34 6.15 -10.71
CA ALA E 114 -20.49 4.78 -11.17
C ALA E 114 -21.41 4.64 -12.38
N LYS E 115 -21.65 5.72 -13.13
CA LYS E 115 -22.50 5.72 -14.32
C LYS E 115 -23.92 5.26 -13.99
N ARG E 116 -24.55 6.03 -13.11
CA ARG E 116 -25.89 5.73 -12.63
C ARG E 116 -26.61 7.03 -12.31
N VAL E 117 -27.89 6.91 -11.99
CA VAL E 117 -28.69 8.02 -11.48
C VAL E 117 -29.46 7.66 -10.22
N THR E 118 -29.26 6.46 -9.67
CA THR E 118 -29.94 6.01 -8.47
C THR E 118 -28.90 5.78 -7.37
N ILE E 119 -29.23 6.20 -6.15
CA ILE E 119 -28.32 6.08 -5.01
C ILE E 119 -28.64 4.79 -4.27
N MET E 120 -27.59 4.10 -3.82
CA MET E 120 -27.74 2.84 -3.11
C MET E 120 -26.88 2.86 -1.85
N PRO E 121 -27.10 1.92 -0.91
CA PRO E 121 -26.32 1.95 0.34
C PRO E 121 -24.82 1.90 0.15
N LYS E 122 -24.34 1.26 -0.92
CA LYS E 122 -22.89 1.16 -1.11
C LYS E 122 -22.27 2.52 -1.40
N ASP E 123 -23.01 3.43 -2.04
CA ASP E 123 -22.51 4.79 -2.23
C ASP E 123 -22.34 5.50 -0.90
N ILE E 124 -23.31 5.35 0.00
CA ILE E 124 -23.21 5.95 1.33
C ILE E 124 -22.02 5.37 2.08
N GLN E 125 -21.84 4.04 2.00
CA GLN E 125 -20.71 3.41 2.67
C GLN E 125 -19.38 3.92 2.13
N LEU E 126 -19.27 4.05 0.80
CA LEU E 126 -18.03 4.55 0.21
C LEU E 126 -17.75 5.99 0.66
N ALA E 127 -18.77 6.85 0.63
CA ALA E 127 -18.58 8.24 1.00
C ALA E 127 -18.16 8.37 2.46
N ARG E 128 -18.84 7.62 3.35
CA ARG E 128 -18.53 7.71 4.76
C ARG E 128 -17.18 7.07 5.09
N ARG E 129 -16.73 6.10 4.30
CA ARG E 129 -15.42 5.52 4.53
C ARG E 129 -14.33 6.49 4.07
N ILE E 130 -14.51 7.11 2.91
CA ILE E 130 -13.52 8.05 2.42
C ILE E 130 -13.43 9.28 3.31
N ARG E 131 -14.56 9.72 3.86
CA ARG E 131 -14.54 10.88 4.76
C ARG E 131 -13.65 10.62 5.97
N GLY E 132 -13.74 9.44 6.55
CA GLY E 132 -12.93 9.10 7.70
C GLY E 132 -13.72 8.59 8.88
N GLU E 133 -15.04 8.70 8.81
CA GLU E 133 -15.93 8.24 9.87
C GLU E 133 -15.92 6.73 10.06
N ARG E 134 -15.38 5.97 9.11
CA ARG E 134 -15.33 4.52 9.23
C ARG E 134 -14.22 3.94 8.36
N ASP F 24 -38.75 2.05 19.90
CA ASP F 24 -39.02 2.07 18.46
C ASP F 24 -39.24 3.48 17.96
N ASN F 25 -38.73 4.47 18.72
CA ASN F 25 -38.87 5.87 18.36
C ASN F 25 -38.12 6.24 17.08
N ILE F 26 -37.11 5.45 16.69
CA ILE F 26 -36.36 5.76 15.47
C ILE F 26 -37.25 5.70 14.24
N GLN F 27 -38.36 4.95 14.33
CA GLN F 27 -39.32 4.91 13.23
C GLN F 27 -40.07 6.21 13.05
N GLY F 28 -39.95 7.15 13.99
CA GLY F 28 -40.56 8.45 13.83
C GLY F 28 -40.04 9.22 12.63
N ILE F 29 -38.77 9.05 12.29
CA ILE F 29 -38.21 9.61 11.05
C ILE F 29 -38.82 8.84 9.89
N THR F 30 -39.72 9.48 9.16
CA THR F 30 -40.54 8.81 8.17
C THR F 30 -39.92 8.93 6.78
N LYS F 31 -40.40 8.08 5.87
CA LYS F 31 -39.93 8.08 4.48
C LYS F 31 -40.05 9.43 3.79
N PRO F 32 -41.18 10.15 3.85
CA PRO F 32 -41.24 11.45 3.17
C PRO F 32 -40.21 12.45 3.67
N ALA F 33 -39.89 12.45 4.97
CA ALA F 33 -38.87 13.36 5.48
C ALA F 33 -37.51 13.06 4.87
N ILE F 34 -37.16 11.77 4.79
CA ILE F 34 -35.89 11.39 4.18
C ILE F 34 -35.86 11.76 2.70
N ARG F 35 -37.00 11.59 2.01
CA ARG F 35 -37.05 11.99 0.61
C ARG F 35 -36.89 13.50 0.45
N ARG F 36 -37.47 14.28 1.36
CA ARG F 36 -37.31 15.73 1.31
C ARG F 36 -35.85 16.13 1.52
N LEU F 37 -35.19 15.49 2.50
CA LEU F 37 -33.78 15.75 2.73
C LEU F 37 -32.95 15.40 1.51
N ALA F 38 -33.26 14.27 0.87
CA ALA F 38 -32.56 13.87 -0.34
C ALA F 38 -32.79 14.86 -1.48
N ARG F 39 -34.02 15.36 -1.61
CA ARG F 39 -34.31 16.35 -2.64
C ARG F 39 -33.51 17.63 -2.43
N ARG F 40 -33.44 18.09 -1.18
CA ARG F 40 -32.57 19.24 -0.89
C ARG F 40 -31.11 18.91 -1.13
N GLY F 41 -30.71 17.64 -1.00
CA GLY F 41 -29.36 17.23 -1.36
C GLY F 41 -29.12 17.14 -2.85
N GLY F 42 -30.16 17.01 -3.65
CA GLY F 42 -30.05 17.04 -5.09
C GLY F 42 -30.08 15.71 -5.82
N VAL F 43 -30.74 14.69 -5.26
CA VAL F 43 -30.84 13.39 -5.92
C VAL F 43 -32.14 13.34 -6.70
N LYS F 44 -32.16 12.48 -7.72
CA LYS F 44 -33.33 12.31 -8.58
C LYS F 44 -34.08 11.02 -8.31
N ARG F 45 -33.36 9.90 -8.21
CA ARG F 45 -33.96 8.61 -7.92
C ARG F 45 -33.37 8.03 -6.63
N ILE F 46 -34.21 7.35 -5.86
CA ILE F 46 -33.81 6.80 -4.57
C ILE F 46 -34.22 5.34 -4.52
N SER F 47 -33.28 4.48 -4.10
CA SER F 47 -33.56 3.06 -3.95
C SER F 47 -34.42 2.84 -2.70
N GLY F 48 -34.73 1.58 -2.41
CA GLY F 48 -35.61 1.27 -1.31
C GLY F 48 -34.91 0.84 -0.03
N LEU F 49 -33.58 0.74 -0.09
CA LEU F 49 -32.78 0.31 1.06
C LEU F 49 -31.94 1.44 1.64
N ILE F 50 -32.34 2.69 1.45
CA ILE F 50 -31.56 3.83 1.94
C ILE F 50 -32.01 4.21 3.34
N TYR F 51 -33.27 3.94 3.67
CA TYR F 51 -33.89 4.50 4.87
C TYR F 51 -33.27 3.94 6.15
N GLU F 52 -33.04 2.63 6.19
CA GLU F 52 -32.44 2.02 7.37
C GLU F 52 -31.02 2.53 7.60
N GLU F 53 -30.25 2.66 6.53
CA GLU F 53 -28.89 3.19 6.66
C GLU F 53 -28.91 4.62 7.17
N THR F 54 -29.81 5.44 6.63
CA THR F 54 -29.91 6.83 7.08
C THR F 54 -30.28 6.90 8.55
N ARG F 55 -31.23 6.07 8.98
CA ARG F 55 -31.65 6.08 10.37
C ARG F 55 -30.52 5.65 11.30
N GLY F 56 -29.76 4.62 10.90
CA GLY F 56 -28.64 4.19 11.72
C GLY F 56 -27.57 5.26 11.85
N VAL F 57 -27.24 5.92 10.73
CA VAL F 57 -26.24 6.98 10.77
C VAL F 57 -26.69 8.12 11.67
N LEU F 58 -27.95 8.52 11.55
CA LEU F 58 -28.48 9.59 12.38
C LEU F 58 -28.44 9.21 13.86
N LYS F 59 -28.78 7.97 14.18
CA LYS F 59 -28.74 7.52 15.57
C LYS F 59 -27.32 7.58 16.14
N VAL F 60 -26.34 7.14 15.35
CA VAL F 60 -24.96 7.16 15.83
C VAL F 60 -24.51 8.59 16.08
N PHE F 61 -24.82 9.49 15.16
CA PHE F 61 -24.48 10.91 15.34
C PHE F 61 -25.10 11.47 16.62
N LEU F 62 -26.38 11.15 16.84
CA LEU F 62 -27.07 11.67 18.02
C LEU F 62 -26.45 11.15 19.30
N GLU F 63 -26.12 9.86 19.38
CA GLU F 63 -25.48 9.35 20.59
C GLU F 63 -24.13 10.03 20.82
N ASN F 64 -23.35 10.21 19.76
CA ASN F 64 -22.04 10.83 19.91
C ASN F 64 -22.15 12.24 20.48
N VAL F 65 -23.12 13.02 20.01
CA VAL F 65 -23.26 14.39 20.53
C VAL F 65 -23.80 14.37 21.96
N ILE F 66 -24.82 13.54 22.22
CA ILE F 66 -25.51 13.60 23.50
C ILE F 66 -24.62 13.09 24.64
N ARG F 67 -23.69 12.17 24.36
CA ARG F 67 -22.78 11.75 25.42
C ARG F 67 -21.96 12.92 25.95
N ASP F 68 -21.36 13.70 25.05
CA ASP F 68 -20.60 14.88 25.47
C ASP F 68 -21.48 15.90 26.16
N ALA F 69 -22.69 16.13 25.63
CA ALA F 69 -23.58 17.10 26.26
C ALA F 69 -23.92 16.70 27.70
N VAL F 70 -24.21 15.42 27.92
CA VAL F 70 -24.55 14.96 29.26
C VAL F 70 -23.34 15.03 30.19
N THR F 71 -22.14 14.74 29.67
CA THR F 71 -20.94 14.87 30.50
C THR F 71 -20.73 16.32 30.93
N TYR F 72 -20.90 17.27 30.01
CA TYR F 72 -20.79 18.68 30.36
C TYR F 72 -21.83 19.08 31.40
N THR F 73 -23.07 18.61 31.24
CA THR F 73 -24.11 18.92 32.22
C THR F 73 -23.77 18.33 33.59
N GLU F 74 -23.26 17.10 33.62
CA GLU F 74 -22.93 16.44 34.87
C GLU F 74 -21.83 17.18 35.61
N HIS F 75 -20.81 17.66 34.89
CA HIS F 75 -19.68 18.31 35.55
C HIS F 75 -20.10 19.55 36.35
N ALA F 76 -21.16 20.24 35.93
CA ALA F 76 -21.55 21.51 36.53
C ALA F 76 -22.51 21.35 37.70
N LYS F 77 -22.83 20.10 38.09
CA LYS F 77 -23.75 19.81 39.20
C LYS F 77 -25.13 20.40 38.92
N ARG F 78 -25.72 19.94 37.82
CA ARG F 78 -27.02 20.43 37.37
C ARG F 78 -27.88 19.22 37.00
N LYS F 79 -29.12 19.52 36.61
CA LYS F 79 -30.05 18.49 36.15
C LYS F 79 -30.73 18.87 34.85
N THR F 80 -30.37 20.00 34.23
CA THR F 80 -31.01 20.48 33.01
C THR F 80 -29.92 20.69 31.96
N VAL F 81 -30.08 20.06 30.80
CA VAL F 81 -29.14 20.28 29.70
C VAL F 81 -29.48 21.60 29.01
N THR F 82 -28.54 22.53 29.00
CA THR F 82 -28.75 23.85 28.42
C THR F 82 -28.25 23.85 26.97
N ALA F 83 -28.39 25.00 26.31
CA ALA F 83 -27.96 25.15 24.92
C ALA F 83 -26.45 25.28 24.79
N MET F 84 -25.80 25.90 25.77
CA MET F 84 -24.35 26.05 25.71
C MET F 84 -23.65 24.69 25.78
N ASP F 85 -24.22 23.74 26.52
CA ASP F 85 -23.64 22.41 26.56
C ASP F 85 -23.64 21.77 25.18
N VAL F 86 -24.76 21.88 24.46
CA VAL F 86 -24.86 21.33 23.11
C VAL F 86 -23.89 22.05 22.18
N VAL F 87 -23.79 23.37 22.31
CA VAL F 87 -22.88 24.14 21.46
C VAL F 87 -21.44 23.71 21.68
N TYR F 88 -21.03 23.54 22.94
CA TYR F 88 -19.67 23.10 23.24
C TYR F 88 -19.43 21.69 22.73
N ALA F 89 -20.40 20.79 22.89
CA ALA F 89 -20.24 19.43 22.40
C ALA F 89 -20.08 19.41 20.89
N LEU F 90 -20.85 20.23 20.17
CA LEU F 90 -20.71 20.32 18.72
C LEU F 90 -19.35 20.91 18.34
N LYS F 91 -18.90 21.92 19.08
CA LYS F 91 -17.63 22.56 18.76
C LYS F 91 -16.46 21.62 18.99
N ARG F 92 -16.60 20.68 19.93
CA ARG F 92 -15.50 19.76 20.21
C ARG F 92 -15.21 18.85 19.02
N GLN F 93 -16.17 18.70 18.11
CA GLN F 93 -16.01 17.80 16.98
C GLN F 93 -15.86 18.52 15.64
N GLY F 94 -15.49 19.80 15.67
CA GLY F 94 -15.31 20.55 14.43
C GLY F 94 -16.60 20.78 13.67
N ARG F 95 -17.67 21.11 14.38
CA ARG F 95 -18.97 21.35 13.79
C ARG F 95 -19.59 22.62 14.36
N THR F 96 -18.81 23.71 14.34
CA THR F 96 -19.22 24.98 14.93
C THR F 96 -20.57 25.42 14.39
N LEU F 97 -21.44 25.85 15.30
CA LEU F 97 -22.80 26.28 14.98
C LEU F 97 -23.01 27.72 15.43
N TYR F 98 -23.57 28.54 14.55
CA TYR F 98 -23.85 29.93 14.83
C TYR F 98 -25.34 30.14 15.09
N GLY F 99 -25.66 31.02 16.04
CA GLY F 99 -27.03 31.44 16.28
C GLY F 99 -27.62 31.00 17.60
N PHE F 100 -26.97 30.16 18.39
CA PHE F 100 -27.54 29.72 19.66
C PHE F 100 -26.68 30.10 20.86
N GLY F 101 -25.89 31.16 20.75
CA GLY F 101 -25.03 31.60 21.84
C GLY F 101 -23.57 31.32 21.55
N GLY F 102 -22.73 32.01 22.31
CA GLY F 102 -21.29 31.89 22.17
C GLY F 102 -20.51 32.69 23.18
N ALA G 10 16.29 19.65 64.17
CA ALA G 10 16.61 18.97 62.93
C ALA G 10 15.38 18.83 62.05
N ARG G 11 15.49 19.28 60.80
CA ARG G 11 14.38 19.20 59.85
C ARG G 11 14.22 17.75 59.42
N ALA G 12 12.98 17.28 59.33
CA ALA G 12 12.70 15.89 59.01
C ALA G 12 13.25 15.54 57.63
N LYS G 13 13.74 14.31 57.49
CA LYS G 13 14.29 13.85 56.23
C LYS G 13 13.24 13.92 55.13
N ALA G 14 13.64 14.47 53.98
CA ALA G 14 12.72 14.70 52.86
C ALA G 14 12.23 13.38 52.25
N LYS G 15 11.15 13.46 51.49
CA LYS G 15 10.60 12.30 50.79
C LYS G 15 9.76 12.81 49.63
N THR G 16 10.07 12.36 48.42
CA THR G 16 9.41 12.86 47.24
C THR G 16 7.93 12.47 47.21
N ARG G 17 7.13 13.31 46.55
CA ARG G 17 5.70 13.03 46.42
C ARG G 17 5.43 11.84 45.52
N SER G 18 6.32 11.57 44.56
CA SER G 18 6.13 10.42 43.69
C SER G 18 6.16 9.12 44.49
N SER G 19 7.14 8.96 45.37
CA SER G 19 7.18 7.79 46.23
C SER G 19 6.00 7.78 47.21
N ARG G 20 5.65 8.96 47.73
CA ARG G 20 4.53 9.08 48.65
C ARG G 20 3.23 8.61 48.02
N ALA G 21 3.05 8.81 46.71
CA ALA G 21 1.87 8.32 46.00
C ALA G 21 2.05 6.92 45.43
N GLY G 22 3.29 6.49 45.18
CA GLY G 22 3.54 5.19 44.60
C GLY G 22 3.60 5.23 43.09
N LEU G 23 4.38 6.17 42.55
CA LEU G 23 4.47 6.37 41.11
C LEU G 23 5.94 6.45 40.71
N GLN G 24 6.18 6.24 39.41
CA GLN G 24 7.50 6.45 38.82
C GLN G 24 7.63 7.75 38.05
N PHE G 25 6.55 8.24 37.44
CA PHE G 25 6.58 9.52 36.77
C PHE G 25 6.65 10.66 37.79
N PRO G 26 7.36 11.73 37.45
CA PRO G 26 7.54 12.83 38.42
C PRO G 26 6.24 13.59 38.67
N VAL G 27 6.15 14.14 39.88
CA VAL G 27 5.01 14.95 40.30
C VAL G 27 5.40 16.41 40.43
N GLY G 28 6.59 16.68 40.97
CA GLY G 28 7.04 18.06 41.09
C GLY G 28 7.25 18.73 39.74
N ARG G 29 7.82 17.99 38.79
CA ARG G 29 8.01 18.54 37.45
C ARG G 29 6.68 18.82 36.77
N VAL G 30 5.72 17.91 36.90
CA VAL G 30 4.39 18.13 36.33
C VAL G 30 3.71 19.31 37.01
N HIS G 31 3.88 19.43 38.33
CA HIS G 31 3.31 20.57 39.05
C HIS G 31 3.90 21.88 38.55
N ARG G 32 5.21 21.93 38.33
CA ARG G 32 5.84 23.14 37.80
C ARG G 32 5.34 23.45 36.39
N LEU G 33 5.21 22.42 35.55
CA LEU G 33 4.72 22.65 34.19
C LEU G 33 3.30 23.18 34.19
N LEU G 34 2.43 22.65 35.06
CA LEU G 34 1.07 23.17 35.16
C LEU G 34 1.07 24.60 35.69
N ARG G 35 1.90 24.89 36.69
CA ARG G 35 1.94 26.23 37.27
C ARG G 35 2.45 27.27 36.29
N LYS G 36 3.42 26.93 35.44
CA LYS G 36 4.03 27.90 34.54
C LYS G 36 3.56 27.71 33.11
N GLY G 37 2.44 27.01 32.91
CA GLY G 37 1.92 26.73 31.60
C GLY G 37 0.79 27.63 31.12
N ASN G 38 0.36 28.60 31.93
CA ASN G 38 -0.72 29.52 31.57
C ASN G 38 -2.02 28.76 31.29
N TYR G 39 -2.48 28.03 32.30
CA TYR G 39 -3.73 27.28 32.22
C TYR G 39 -4.80 27.79 33.14
N ALA G 40 -4.47 28.12 34.39
CA ALA G 40 -5.42 28.72 35.32
C ALA G 40 -4.63 29.62 36.26
N GLU G 41 -5.38 30.35 37.11
CA GLU G 41 -4.74 31.25 38.06
C GLU G 41 -4.11 30.47 39.21
N ARG G 42 -4.74 29.37 39.61
CA ARG G 42 -4.28 28.57 40.73
C ARG G 42 -4.31 27.09 40.35
N VAL G 43 -3.46 26.31 41.01
CA VAL G 43 -3.37 24.87 40.78
C VAL G 43 -3.55 24.17 42.12
N GLY G 44 -4.43 23.16 42.14
CA GLY G 44 -4.69 22.41 43.34
C GLY G 44 -3.53 21.54 43.78
N ALA G 45 -3.81 20.59 44.69
CA ALA G 45 -2.76 19.72 45.21
C ALA G 45 -2.87 18.26 44.76
N GLY G 46 -3.98 17.87 44.13
CA GLY G 46 -4.13 16.49 43.70
C GLY G 46 -4.07 16.31 42.20
N ALA G 47 -4.06 17.42 41.47
CA ALA G 47 -4.00 17.34 40.01
C ALA G 47 -2.73 16.69 39.48
N PRO G 48 -1.51 17.08 39.90
CA PRO G 48 -0.32 16.45 39.32
C PRO G 48 -0.25 14.95 39.56
N VAL G 49 -0.69 14.47 40.72
CA VAL G 49 -0.66 13.03 40.99
C VAL G 49 -1.57 12.29 40.02
N TYR G 50 -2.79 12.80 39.84
CA TYR G 50 -3.76 12.16 38.98
C TYR G 50 -3.26 12.14 37.53
N LEU G 51 -2.72 13.28 37.08
CA LEU G 51 -2.22 13.38 35.72
C LEU G 51 -1.02 12.46 35.49
N ALA G 52 -0.10 12.40 36.45
CA ALA G 52 1.05 11.51 36.30
C ALA G 52 0.61 10.06 36.27
N ALA G 53 -0.38 9.70 37.09
CA ALA G 53 -0.89 8.33 37.06
C ALA G 53 -1.47 7.99 35.69
N VAL G 54 -2.26 8.91 35.11
CA VAL G 54 -2.87 8.65 33.80
C VAL G 54 -1.79 8.49 32.72
N LEU G 55 -0.80 9.38 32.73
CA LEU G 55 0.27 9.30 31.74
C LEU G 55 1.06 8.01 31.88
N GLU G 56 1.36 7.60 33.13
CA GLU G 56 2.08 6.36 33.37
C GLU G 56 1.28 5.16 32.86
N TYR G 57 -0.04 5.17 33.10
CA TYR G 57 -0.88 4.08 32.60
C TYR G 57 -0.80 3.96 31.08
N LEU G 58 -0.95 5.09 30.39
CA LEU G 58 -0.93 5.06 28.93
C LEU G 58 0.43 4.58 28.41
N THR G 59 1.51 5.08 29.02
CA THR G 59 2.85 4.67 28.61
C THR G 59 3.06 3.18 28.84
N ALA G 60 2.58 2.65 29.97
CA ALA G 60 2.73 1.23 30.25
C ALA G 60 1.99 0.39 29.23
N GLU G 61 0.77 0.78 28.86
CA GLU G 61 0.04 0.03 27.83
C GLU G 61 0.80 0.02 26.51
N ILE G 62 1.27 1.20 26.08
CA ILE G 62 2.00 1.28 24.82
C ILE G 62 3.24 0.39 24.85
N LEU G 63 4.01 0.47 25.94
CA LEU G 63 5.25 -0.28 26.02
C LEU G 63 4.99 -1.78 26.07
N GLU G 64 3.94 -2.21 26.75
CA GLU G 64 3.62 -3.63 26.79
C GLU G 64 3.27 -4.16 25.40
N LEU G 65 2.43 -3.44 24.67
CA LEU G 65 2.09 -3.89 23.32
C LEU G 65 3.32 -3.90 22.41
N ALA G 66 4.15 -2.87 22.51
CA ALA G 66 5.35 -2.80 21.66
C ALA G 66 6.30 -3.95 21.98
N GLY G 67 6.46 -4.27 23.26
CA GLY G 67 7.33 -5.38 23.62
C GLY G 67 6.82 -6.72 23.13
N ASN G 68 5.50 -6.94 23.25
CA ASN G 68 4.93 -8.17 22.71
C ASN G 68 5.17 -8.28 21.21
N ALA G 69 4.91 -7.20 20.49
CA ALA G 69 5.11 -7.22 19.03
C ALA G 69 6.57 -7.44 18.68
N ALA G 70 7.49 -6.83 19.44
CA ALA G 70 8.91 -7.01 19.17
C ALA G 70 9.35 -8.45 19.40
N ARG G 71 8.89 -9.05 20.50
CA ARG G 71 9.28 -10.43 20.78
C ARG G 71 8.68 -11.40 19.78
N ASP G 72 7.48 -11.11 19.27
CA ASP G 72 6.86 -11.99 18.28
C ASP G 72 7.68 -12.10 17.00
N ASN G 73 8.60 -11.17 16.75
CA ASN G 73 9.47 -11.21 15.59
C ASN G 73 10.84 -11.81 15.91
N LYS G 74 11.02 -12.32 17.13
CA LYS G 74 12.27 -12.92 17.58
C LYS G 74 13.41 -11.90 17.60
N LYS G 75 13.14 -10.80 18.32
CA LYS G 75 14.11 -9.73 18.50
C LYS G 75 14.06 -9.27 19.94
N THR G 76 15.12 -8.59 20.36
CA THR G 76 15.26 -8.11 21.73
C THR G 76 15.18 -6.60 21.86
N ARG G 77 15.10 -5.87 20.75
CA ARG G 77 15.11 -4.42 20.78
C ARG G 77 13.85 -3.86 20.10
N ILE G 78 13.36 -2.75 20.63
CA ILE G 78 12.15 -2.10 20.15
C ILE G 78 12.54 -0.99 19.17
N ILE G 79 11.88 -0.96 18.03
CA ILE G 79 12.15 0.01 16.98
C ILE G 79 10.82 0.64 16.56
N PRO G 80 10.80 1.76 15.82
CA PRO G 80 9.51 2.41 15.51
C PRO G 80 8.52 1.53 14.78
N ARG G 81 9.00 0.54 14.01
CA ARG G 81 8.09 -0.36 13.30
C ARG G 81 7.20 -1.12 14.28
N HIS G 82 7.77 -1.57 15.39
CA HIS G 82 6.98 -2.29 16.39
C HIS G 82 5.92 -1.39 17.01
N LEU G 83 6.27 -0.14 17.31
CA LEU G 83 5.28 0.80 17.85
C LEU G 83 4.16 1.03 16.84
N GLN G 84 4.51 1.20 15.57
CA GLN G 84 3.50 1.40 14.54
C GLN G 84 2.57 0.20 14.44
N LEU G 85 3.14 -1.01 14.43
CA LEU G 85 2.32 -2.21 14.33
C LEU G 85 1.38 -2.34 15.53
N ALA G 86 1.91 -2.09 16.72
CA ALA G 86 1.08 -2.20 17.92
C ALA G 86 -0.05 -1.17 17.91
N ILE G 87 0.26 0.07 17.52
CA ILE G 87 -0.76 1.12 17.56
C ILE G 87 -1.83 0.88 16.51
N ARG G 88 -1.41 0.53 15.29
CA ARG G 88 -2.38 0.36 14.21
C ARG G 88 -3.15 -0.95 14.31
N ASN G 89 -2.64 -1.93 15.06
CA ASN G 89 -3.35 -3.20 15.22
C ASN G 89 -4.28 -3.21 16.42
N ASP G 90 -4.35 -2.11 17.17
CA ASP G 90 -5.30 -1.97 18.26
C ASP G 90 -6.52 -1.19 17.77
N GLU G 91 -7.62 -1.32 18.50
CA GLU G 91 -8.88 -0.69 18.13
C GLU G 91 -9.14 0.62 18.88
N GLU G 92 -8.69 0.74 20.12
CA GLU G 92 -8.89 1.94 20.91
C GLU G 92 -7.72 2.91 20.81
N LEU G 93 -6.49 2.40 20.79
CA LEU G 93 -5.35 3.28 20.61
C LEU G 93 -5.26 3.85 19.20
N ASN G 94 -5.90 3.20 18.23
CA ASN G 94 -5.93 3.73 16.86
C ASN G 94 -6.88 4.91 16.71
N LYS G 95 -7.91 5.02 17.54
CA LYS G 95 -8.80 6.17 17.56
C LYS G 95 -8.17 7.39 18.22
N LEU G 96 -7.37 7.17 19.27
CA LEU G 96 -6.71 8.28 19.96
C LEU G 96 -5.55 8.85 19.15
N LEU G 97 -4.94 8.05 18.29
CA LEU G 97 -3.81 8.48 17.47
C LEU G 97 -4.15 8.35 15.99
N GLY G 98 -5.36 8.74 15.63
CA GLY G 98 -5.83 8.63 14.26
C GLY G 98 -5.14 9.57 13.28
N LYS G 99 -4.85 10.79 13.72
CA LYS G 99 -4.28 11.82 12.86
C LYS G 99 -2.78 12.00 13.07
N VAL G 100 -2.08 10.96 13.50
CA VAL G 100 -0.67 11.05 13.85
C VAL G 100 0.15 10.24 12.86
N THR G 101 1.25 10.83 12.39
CA THR G 101 2.19 10.17 11.50
C THR G 101 3.44 9.78 12.28
N ILE G 102 3.84 8.51 12.16
CA ILE G 102 5.00 7.98 12.87
C ILE G 102 6.13 7.80 11.87
N ALA G 103 7.28 8.41 12.17
CA ALA G 103 8.41 8.39 11.24
C ALA G 103 8.99 7.00 11.12
N GLN G 104 9.12 6.53 9.87
CA GLN G 104 9.74 5.24 9.56
C GLN G 104 8.97 4.08 10.20
N GLY G 105 7.66 4.08 10.00
CA GLY G 105 6.82 3.05 10.57
C GLY G 105 6.15 2.16 9.54
N GLY G 106 5.99 2.66 8.32
CA GLY G 106 5.39 1.85 7.28
C GLY G 106 3.87 1.79 7.40
N VAL G 107 3.29 0.76 6.79
CA VAL G 107 1.85 0.56 6.74
C VAL G 107 1.55 -0.91 7.04
N LEU G 108 0.30 -1.21 7.34
CA LEU G 108 -0.10 -2.59 7.55
C LEU G 108 -0.29 -3.30 6.22
N PRO G 109 -0.05 -4.61 6.18
CA PRO G 109 -0.26 -5.36 4.94
C PRO G 109 -1.73 -5.51 4.62
N ASN G 110 -2.16 -4.90 3.51
CA ASN G 110 -3.57 -4.94 3.11
C ASN G 110 -3.64 -5.03 1.59
N ILE G 111 -4.30 -6.08 1.09
CA ILE G 111 -4.52 -6.28 -0.34
C ILE G 111 -6.00 -6.54 -0.57
N GLN G 112 -6.60 -5.79 -1.50
CA GLN G 112 -8.01 -5.95 -1.80
C GLN G 112 -8.27 -7.30 -2.47
N ALA G 113 -9.43 -7.88 -2.18
CA ALA G 113 -9.79 -9.19 -2.73
C ALA G 113 -10.00 -9.17 -4.24
N VAL G 114 -10.56 -8.09 -4.79
CA VAL G 114 -10.77 -8.00 -6.23
C VAL G 114 -9.47 -7.99 -7.02
N LEU G 115 -8.36 -7.65 -6.36
CA LEU G 115 -7.06 -7.59 -7.02
C LEU G 115 -6.34 -8.94 -7.05
N LEU G 116 -6.46 -9.73 -6.01
CA LEU G 116 -5.80 -11.04 -5.93
C LEU G 116 -6.26 -11.95 -7.06
N ARG H 31 27.10 26.34 29.64
CA ARG H 31 26.32 25.44 28.82
C ARG H 31 25.00 25.09 29.52
N SER H 32 23.94 24.90 28.74
CA SER H 32 22.60 24.65 29.27
C SER H 32 22.16 23.23 28.96
N ARG H 33 21.41 22.65 29.88
CA ARG H 33 20.90 21.29 29.78
C ARG H 33 19.40 21.33 29.45
N LYS H 34 18.93 20.24 28.86
CA LYS H 34 17.53 20.13 28.44
C LYS H 34 16.89 18.99 29.23
N GLU H 35 15.56 18.92 29.17
CA GLU H 35 14.80 17.94 29.93
C GLU H 35 14.21 16.90 28.99
N SER H 36 13.78 15.78 29.56
CA SER H 36 13.20 14.68 28.80
C SER H 36 12.52 13.73 29.79
N TYR H 37 11.91 12.68 29.25
CA TYR H 37 11.22 11.67 30.05
C TYR H 37 11.87 10.30 29.94
N SER H 38 13.16 10.23 29.57
CA SER H 38 13.77 8.96 29.23
C SER H 38 13.85 8.02 30.44
N VAL H 39 14.21 8.56 31.60
CA VAL H 39 14.48 7.69 32.75
C VAL H 39 13.19 7.03 33.24
N TYR H 40 12.08 7.76 33.21
CA TYR H 40 10.82 7.16 33.63
C TYR H 40 10.30 6.16 32.60
N VAL H 41 10.59 6.39 31.32
CA VAL H 41 10.25 5.40 30.30
C VAL H 41 11.04 4.10 30.54
N TYR H 42 12.32 4.23 30.88
CA TYR H 42 13.10 3.04 31.23
C TYR H 42 12.55 2.34 32.46
N LYS H 43 12.16 3.12 33.48
CA LYS H 43 11.60 2.53 34.68
C LYS H 43 10.32 1.75 34.39
N VAL H 44 9.45 2.31 33.55
CA VAL H 44 8.21 1.62 33.20
C VAL H 44 8.51 0.39 32.33
N LEU H 45 9.49 0.51 31.44
CA LEU H 45 9.85 -0.62 30.58
C LEU H 45 10.38 -1.80 31.39
N LYS H 46 11.17 -1.51 32.43
CA LYS H 46 11.67 -2.59 33.28
C LYS H 46 10.61 -3.19 34.19
N GLN H 47 9.35 -2.78 34.10
CA GLN H 47 8.27 -3.38 34.88
C GLN H 47 7.39 -4.32 34.08
N VAL H 48 7.42 -4.24 32.75
CA VAL H 48 6.59 -5.07 31.89
C VAL H 48 7.39 -6.00 31.00
N HIS H 49 8.67 -5.73 30.77
CA HIS H 49 9.52 -6.53 29.91
C HIS H 49 10.97 -6.33 30.30
N PRO H 50 11.46 -7.00 31.35
CA PRO H 50 12.79 -6.68 31.87
C PRO H 50 13.94 -6.89 30.89
N ASP H 51 13.86 -7.90 30.02
CA ASP H 51 15.01 -8.26 29.20
C ASP H 51 15.20 -7.33 28.00
N THR H 52 14.12 -6.86 27.39
CA THR H 52 14.23 -6.12 26.14
C THR H 52 14.70 -4.69 26.37
N GLY H 53 15.35 -4.13 25.36
CA GLY H 53 15.78 -2.74 25.37
C GLY H 53 14.97 -1.89 24.40
N ILE H 54 15.51 -0.72 24.10
CA ILE H 54 14.83 0.24 23.23
C ILE H 54 15.87 1.16 22.62
N SER H 55 15.70 1.46 21.34
CA SER H 55 16.59 2.37 20.63
C SER H 55 16.19 3.82 20.92
N SER H 56 16.95 4.77 20.38
CA SER H 56 16.74 6.18 20.65
C SER H 56 15.56 6.78 19.89
N LYS H 57 15.31 6.30 18.66
CA LYS H 57 14.20 6.84 17.87
C LYS H 57 12.87 6.55 18.55
N ALA H 58 12.70 5.33 19.07
CA ALA H 58 11.49 5.01 19.81
C ALA H 58 11.37 5.88 21.06
N MET H 59 12.49 6.21 21.69
CA MET H 59 12.47 7.09 22.85
C MET H 59 11.97 8.48 22.48
N GLY H 60 12.44 9.02 21.35
CA GLY H 60 11.94 10.30 20.88
C GLY H 60 10.45 10.26 20.58
N ILE H 61 10.00 9.17 19.97
CA ILE H 61 8.58 9.02 19.67
C ILE H 61 7.76 9.00 20.95
N MET H 62 8.26 8.29 21.98
CA MET H 62 7.54 8.23 23.25
C MET H 62 7.49 9.60 23.91
N ASN H 63 8.58 10.36 23.85
CA ASN H 63 8.56 11.72 24.41
C ASN H 63 7.53 12.58 23.71
N SER H 64 7.47 12.51 22.37
CA SER H 64 6.47 13.27 21.64
C SER H 64 5.06 12.87 22.04
N PHE H 65 4.82 11.57 22.21
CA PHE H 65 3.50 11.10 22.60
C PHE H 65 3.10 11.63 23.97
N VAL H 66 4.02 11.57 24.93
CA VAL H 66 3.72 12.04 26.28
C VAL H 66 3.41 13.53 26.26
N ASN H 67 4.21 14.30 25.52
CA ASN H 67 3.97 15.74 25.44
C ASN H 67 2.62 16.05 24.81
N ASP H 68 2.26 15.32 23.75
CA ASP H 68 0.98 15.54 23.09
C ASP H 68 -0.18 15.27 24.04
N ILE H 69 -0.13 14.16 24.78
CA ILE H 69 -1.23 13.82 25.68
C ILE H 69 -1.33 14.84 26.81
N PHE H 70 -0.19 15.26 27.36
CA PHE H 70 -0.21 16.26 28.42
C PHE H 70 -0.82 17.57 27.93
N GLU H 71 -0.44 18.00 26.72
CA GLU H 71 -0.99 19.22 26.17
C GLU H 71 -2.50 19.12 26.00
N ARG H 72 -2.97 18.00 25.44
CA ARG H 72 -4.41 17.82 25.25
C ARG H 72 -5.16 17.93 26.56
N ILE H 73 -4.71 17.17 27.58
CA ILE H 73 -5.46 17.14 28.84
C ILE H 73 -5.43 18.49 29.52
N ALA H 74 -4.27 19.16 29.52
CA ALA H 74 -4.16 20.45 30.17
C ALA H 74 -5.06 21.49 29.50
N GLY H 75 -5.08 21.51 28.16
CA GLY H 75 -5.95 22.44 27.47
C GLY H 75 -7.43 22.20 27.75
N GLU H 76 -7.84 20.93 27.73
CA GLU H 76 -9.25 20.65 28.00
C GLU H 76 -9.63 21.03 29.42
N ALA H 77 -8.76 20.74 30.40
CA ALA H 77 -9.06 21.12 31.78
C ALA H 77 -9.12 22.63 31.94
N SER H 78 -8.24 23.36 31.24
CA SER H 78 -8.28 24.82 31.30
C SER H 78 -9.60 25.35 30.78
N ARG H 79 -10.06 24.84 29.63
CA ARG H 79 -11.35 25.29 29.10
C ARG H 79 -12.50 24.94 30.03
N LEU H 80 -12.45 23.75 30.64
CA LEU H 80 -13.49 23.36 31.58
C LEU H 80 -13.53 24.30 32.79
N ALA H 81 -12.36 24.66 33.32
CA ALA H 81 -12.31 25.58 34.45
C ALA H 81 -12.84 26.95 34.05
N HIS H 82 -12.53 27.40 32.83
CA HIS H 82 -13.03 28.69 32.37
C HIS H 82 -14.55 28.69 32.28
N TYR H 83 -15.14 27.61 31.77
CA TYR H 83 -16.58 27.60 31.51
C TYR H 83 -17.43 27.78 32.76
N ASN H 84 -16.94 27.42 33.94
CA ASN H 84 -17.74 27.45 35.15
C ASN H 84 -17.43 28.64 36.05
N LYS H 85 -16.79 29.68 35.51
CA LYS H 85 -16.44 30.87 36.27
C LYS H 85 -15.58 30.53 37.49
N ARG H 86 -14.59 29.65 37.26
CA ARG H 86 -13.68 29.23 38.30
C ARG H 86 -12.26 29.66 37.95
N SER H 87 -11.43 29.81 38.97
CA SER H 87 -10.06 30.30 38.79
C SER H 87 -9.00 29.26 39.12
N THR H 88 -9.37 28.03 39.46
CA THR H 88 -8.40 27.02 39.84
C THR H 88 -8.68 25.72 39.10
N ILE H 89 -7.66 24.88 39.01
CA ILE H 89 -7.74 23.57 38.40
C ILE H 89 -7.53 22.53 39.49
N THR H 90 -8.49 21.62 39.64
CA THR H 90 -8.42 20.56 40.64
C THR H 90 -8.45 19.21 39.94
N SER H 91 -8.52 18.13 40.73
CA SER H 91 -8.52 16.80 40.14
C SER H 91 -9.86 16.47 39.49
N ARG H 92 -10.93 17.16 39.89
CA ARG H 92 -12.24 16.93 39.27
C ARG H 92 -12.22 17.35 37.80
N GLU H 93 -11.59 18.49 37.50
CA GLU H 93 -11.46 18.92 36.11
C GLU H 93 -10.64 17.92 35.31
N ILE H 94 -9.55 17.41 35.88
CA ILE H 94 -8.72 16.45 35.17
C ILE H 94 -9.49 15.18 34.90
N GLN H 95 -10.30 14.74 35.87
CA GLN H 95 -11.13 13.56 35.68
C GLN H 95 -12.13 13.76 34.54
N THR H 96 -12.79 14.92 34.51
CA THR H 96 -13.76 15.19 33.45
C THR H 96 -13.06 15.24 32.09
N ALA H 97 -11.88 15.84 32.03
CA ALA H 97 -11.13 15.89 30.77
C ALA H 97 -10.73 14.49 30.31
N VAL H 98 -10.32 13.63 31.25
CA VAL H 98 -9.98 12.25 30.90
C VAL H 98 -11.19 11.53 30.34
N ARG H 99 -12.35 11.70 30.99
CA ARG H 99 -13.56 11.05 30.48
C ARG H 99 -13.95 11.59 29.10
N LEU H 100 -13.65 12.86 28.84
CA LEU H 100 -14.02 13.45 27.55
C LEU H 100 -13.08 13.00 26.44
N LEU H 101 -11.79 12.80 26.75
CA LEU H 101 -10.81 12.63 25.69
C LEU H 101 -10.52 11.16 25.39
N LEU H 102 -10.54 10.30 26.40
CA LEU H 102 -10.14 8.92 26.17
C LEU H 102 -11.32 8.07 25.69
N PRO H 103 -11.08 7.13 24.78
CA PRO H 103 -12.17 6.29 24.27
C PRO H 103 -12.39 5.02 25.07
N GLY H 104 -13.64 4.77 25.46
CA GLY H 104 -14.01 3.45 25.96
C GLY H 104 -13.40 3.11 27.30
N GLU H 105 -13.02 1.83 27.45
CA GLU H 105 -12.61 1.31 28.75
C GLU H 105 -11.26 1.88 29.18
N LEU H 106 -10.52 2.47 28.23
CA LEU H 106 -9.29 3.17 28.55
C LEU H 106 -9.56 4.23 29.61
N ALA H 107 -10.62 5.01 29.41
CA ALA H 107 -10.99 6.06 30.35
C ALA H 107 -11.33 5.47 31.72
N LYS H 108 -12.04 4.35 31.73
CA LYS H 108 -12.42 3.70 32.98
C LYS H 108 -11.19 3.30 33.78
N HIS H 109 -10.25 2.61 33.15
CA HIS H 109 -9.05 2.18 33.85
C HIS H 109 -8.19 3.36 34.27
N ALA H 110 -8.10 4.39 33.42
CA ALA H 110 -7.31 5.57 33.78
C ALA H 110 -7.89 6.27 34.99
N VAL H 111 -9.21 6.44 35.02
CA VAL H 111 -9.87 7.07 36.16
C VAL H 111 -9.66 6.26 37.43
N SER H 112 -9.81 4.93 37.32
CA SER H 112 -9.65 4.08 38.49
C SER H 112 -8.24 4.19 39.07
N GLU H 113 -7.22 4.14 38.20
CA GLU H 113 -5.85 4.18 38.68
C GLU H 113 -5.50 5.56 39.24
N GLY H 114 -6.01 6.62 38.60
CA GLY H 114 -5.76 7.95 39.12
C GLY H 114 -6.40 8.17 40.48
N THR H 115 -7.63 7.69 40.65
CA THR H 115 -8.30 7.77 41.94
C THR H 115 -7.53 7.01 43.01
N LYS H 116 -7.04 5.81 42.66
CA LYS H 116 -6.24 5.03 43.58
C LYS H 116 -4.98 5.78 44.00
N ALA H 117 -4.31 6.39 43.03
CA ALA H 117 -3.09 7.14 43.33
C ALA H 117 -3.37 8.32 44.24
N VAL H 118 -4.45 9.07 43.97
CA VAL H 118 -4.79 10.22 44.80
C VAL H 118 -5.12 9.77 46.22
N THR H 119 -5.89 8.69 46.34
CA THR H 119 -6.27 8.17 47.65
C THR H 119 -5.03 7.74 48.44
N LYS H 120 -4.10 7.06 47.78
CA LYS H 120 -2.89 6.64 48.47
C LYS H 120 -1.97 7.81 48.81
N TYR H 121 -1.98 8.88 48.01
CA TYR H 121 -1.19 10.06 48.32
C TYR H 121 -1.76 10.86 49.49
N THR H 122 -3.07 11.04 49.58
CA THR H 122 -3.65 11.83 50.64
C THR H 122 -3.66 11.11 51.98
N SER H 123 -3.48 9.79 51.98
CA SER H 123 -3.51 9.02 53.23
C SER H 123 -2.26 9.23 54.05
N SER H 124 -1.19 9.70 53.43
CA SER H 124 0.08 9.91 54.12
C SER H 124 0.08 11.24 54.87
N ARG K 10 2.79 -6.48 33.33
CA ARG K 10 2.18 -5.95 34.54
C ARG K 10 0.70 -6.31 34.59
N TYR K 11 -0.01 -5.78 35.57
CA TYR K 11 -1.43 -6.03 35.75
C TYR K 11 -2.21 -4.72 35.59
N SER K 12 -3.52 -4.78 35.85
CA SER K 12 -4.42 -3.64 35.74
C SER K 12 -4.45 -3.08 34.32
N GLN K 13 -4.45 -3.97 33.33
CA GLN K 13 -4.68 -3.60 31.94
C GLN K 13 -6.04 -4.10 31.50
N ARG K 14 -6.45 -3.64 30.30
CA ARG K 14 -7.72 -4.07 29.74
C ARG K 14 -7.74 -5.57 29.47
N LEU K 15 -6.65 -6.11 28.93
CA LEU K 15 -6.52 -7.52 28.58
C LEU K 15 -7.58 -7.94 27.57
N ARG K 20 -4.67 -12.05 23.07
CA ARG K 20 -3.78 -11.24 22.24
C ARG K 20 -3.81 -11.69 20.80
N ARG K 21 -2.82 -11.26 20.01
CA ARG K 21 -2.72 -11.59 18.60
C ARG K 21 -1.27 -11.88 18.24
N ARG K 22 -1.07 -12.33 17.01
CA ARG K 22 0.25 -12.65 16.49
C ARG K 22 0.70 -11.51 15.57
N TYR K 23 1.94 -11.07 15.76
CA TYR K 23 2.49 -9.98 14.96
C TYR K 23 3.50 -10.52 13.94
N ARG K 37 6.64 -24.86 -3.35
CA ARG K 37 5.86 -26.12 -3.47
C ARG K 37 4.74 -26.14 -2.41
N THR K 38 3.52 -25.78 -2.83
CA THR K 38 2.36 -25.79 -1.92
C THR K 38 1.51 -27.06 -2.05
N PHE K 39 1.84 -27.98 -2.97
CA PHE K 39 1.23 -29.34 -3.03
C PHE K 39 2.10 -30.33 -2.21
N ASP K 40 1.49 -31.41 -1.72
CA ASP K 40 2.24 -32.32 -0.87
C ASP K 40 2.79 -33.45 -1.71
N LEU K 41 4.10 -33.41 -1.93
CA LEU K 41 4.77 -34.43 -2.74
C LEU K 41 4.60 -35.83 -2.13
N GLU K 42 4.49 -35.95 -0.80
CA GLU K 42 4.28 -37.27 -0.18
C GLU K 42 2.95 -37.95 -0.58
N GLU K 43 1.85 -37.19 -0.73
CA GLU K 43 0.60 -37.82 -1.20
C GLU K 43 0.69 -38.19 -2.67
N LYS K 44 1.42 -37.42 -3.48
CA LYS K 44 1.60 -37.81 -4.92
C LYS K 44 2.38 -39.13 -5.10
N LEU K 45 3.17 -39.49 -4.10
CA LEU K 45 3.92 -40.76 -4.06
C LEU K 45 3.11 -41.91 -3.46
N HIS K 46 2.12 -41.60 -2.61
CA HIS K 46 1.27 -42.63 -1.94
C HIS K 46 -0.03 -42.95 -2.68
N THR K 47 -0.65 -41.97 -3.33
CA THR K 47 -1.97 -42.23 -3.96
C THR K 47 -1.88 -43.36 -4.99
N ASN K 48 -3.01 -44.02 -5.21
CA ASN K 48 -3.07 -45.01 -6.28
C ASN K 48 -3.67 -44.50 -7.60
N LYS K 49 -3.94 -43.21 -7.71
CA LYS K 49 -4.64 -42.63 -8.86
C LYS K 49 -3.84 -42.47 -10.16
N TYR K 50 -2.53 -42.75 -10.15
CA TYR K 50 -1.69 -42.47 -11.31
C TYR K 50 -1.43 -43.83 -11.85
N ASN K 51 -2.49 -44.42 -12.37
CA ASN K 51 -2.52 -45.84 -12.64
C ASN K 51 -2.67 -46.20 -14.11
N ALA K 52 -2.38 -45.26 -15.01
CA ALA K 52 -2.29 -45.58 -16.43
C ALA K 52 -1.20 -46.60 -16.77
N ASN K 53 -1.35 -47.35 -17.86
CA ASN K 53 -0.36 -48.32 -18.34
C ASN K 53 0.21 -47.83 -19.66
N PHE K 54 1.26 -47.03 -19.62
CA PHE K 54 1.89 -46.55 -20.84
C PHE K 54 3.18 -47.26 -21.17
N VAL K 55 3.82 -47.90 -20.22
CA VAL K 55 5.16 -48.38 -20.43
C VAL K 55 5.11 -49.83 -20.86
N THR K 56 5.90 -50.19 -21.82
CA THR K 56 6.12 -51.56 -22.24
C THR K 56 7.44 -52.10 -21.72
N PHE K 57 7.37 -53.24 -21.05
CA PHE K 57 8.55 -53.96 -20.66
C PHE K 57 9.05 -54.82 -21.82
N MET K 58 10.31 -54.69 -22.15
CA MET K 58 10.88 -55.30 -23.31
C MET K 58 12.13 -56.00 -22.94
N GLU K 59 12.47 -56.96 -23.79
CA GLU K 59 13.77 -57.62 -23.77
C GLU K 59 14.70 -56.82 -24.71
N GLY K 60 15.97 -56.69 -24.34
CA GLY K 60 16.92 -55.92 -25.14
C GLY K 60 17.01 -56.32 -26.59
N LYS K 61 16.94 -57.63 -26.86
CA LYS K 61 17.09 -58.11 -28.21
C LYS K 61 16.01 -57.65 -29.16
N ASP K 62 14.83 -57.29 -28.66
CA ASP K 62 13.73 -56.87 -29.54
C ASP K 62 13.79 -55.38 -29.86
N PHE K 63 14.66 -54.66 -29.16
CA PHE K 63 14.86 -53.23 -29.39
C PHE K 63 15.88 -53.04 -30.48
N ASN K 64 15.43 -53.02 -31.73
CA ASN K 64 16.27 -52.92 -32.88
C ASN K 64 15.74 -51.91 -33.89
N VAL K 65 16.39 -51.76 -35.03
CA VAL K 65 15.99 -50.70 -35.98
C VAL K 65 14.67 -51.08 -36.61
N GLU K 66 14.43 -52.38 -36.79
CA GLU K 66 13.15 -52.78 -37.32
C GLU K 66 12.01 -52.41 -36.42
N TYR K 67 12.19 -52.61 -35.11
CA TYR K 67 11.20 -52.23 -34.13
C TYR K 67 10.89 -50.69 -34.24
N ILE K 68 11.93 -49.86 -34.38
CA ILE K 68 11.81 -48.41 -34.50
C ILE K 68 11.10 -48.06 -35.77
N GLN K 69 11.44 -48.73 -36.87
CA GLN K 69 10.80 -48.48 -38.17
C GLN K 69 9.31 -48.79 -38.14
N ARG K 70 8.96 -49.85 -37.47
CA ARG K 70 7.56 -50.34 -37.37
C ARG K 70 6.73 -49.56 -36.37
N GLY K 71 7.34 -49.13 -35.27
CA GLY K 71 6.62 -48.45 -34.15
C GLY K 71 6.80 -46.95 -34.04
N GLY K 72 7.82 -46.41 -34.71
CA GLY K 72 8.22 -45.00 -34.59
C GLY K 72 8.73 -44.50 -33.23
N LEU K 73 9.11 -45.41 -32.33
CA LEU K 73 9.59 -45.08 -30.97
C LEU K 73 8.62 -44.16 -30.22
N ARG K 74 7.36 -44.56 -30.26
CA ARG K 74 6.24 -43.87 -29.67
C ARG K 74 5.90 -44.29 -28.24
N ASP K 75 6.40 -45.45 -27.78
CA ASP K 75 6.05 -46.01 -26.46
C ASP K 75 7.23 -46.01 -25.49
N PRO K 76 7.02 -45.53 -24.24
CA PRO K 76 8.08 -45.58 -23.24
C PRO K 76 8.40 -47.03 -22.97
N LEU K 77 9.68 -47.34 -22.83
CA LEU K 77 10.14 -48.74 -22.64
C LEU K 77 10.98 -48.88 -21.39
N ILE K 78 10.78 -49.97 -20.65
CA ILE K 78 11.68 -50.37 -19.61
C ILE K 78 12.31 -51.73 -19.96
N PHE K 79 13.63 -51.78 -19.77
CA PHE K 79 14.43 -52.98 -19.90
C PHE K 79 14.88 -53.32 -18.49
N LYS K 80 14.28 -54.36 -17.94
CA LYS K 80 14.57 -54.79 -16.56
C LYS K 80 15.96 -55.35 -16.43
N ASN K 81 16.51 -55.90 -17.47
CA ASN K 81 17.92 -56.20 -17.51
C ASN K 81 18.50 -55.70 -18.80
N SER K 82 19.81 -55.66 -18.85
CA SER K 82 20.50 -55.08 -20.00
C SER K 82 20.89 -56.09 -21.08
N ASP K 83 20.56 -57.38 -20.88
CA ASP K 83 20.78 -58.39 -21.92
C ASP K 83 20.32 -57.91 -23.30
N GLY K 84 21.23 -57.95 -24.25
CA GLY K 84 20.90 -57.63 -25.60
C GLY K 84 20.90 -56.16 -25.95
N LEU K 85 21.08 -55.24 -25.00
CA LEU K 85 20.99 -53.79 -25.31
C LEU K 85 22.24 -53.22 -25.86
N GLY K 86 23.36 -53.83 -25.47
CA GLY K 86 24.70 -53.41 -25.88
C GLY K 86 25.22 -52.25 -25.04
N ILE K 87 24.74 -52.11 -23.80
CA ILE K 87 25.29 -51.09 -22.91
C ILE K 87 26.58 -51.50 -22.22
N LYS K 88 27.32 -50.52 -21.77
CA LYS K 88 28.44 -50.73 -20.89
C LYS K 88 28.36 -49.66 -19.81
N MET K 89 28.59 -50.07 -18.57
CA MET K 89 28.60 -49.19 -17.44
C MET K 89 29.91 -49.30 -16.69
N PRO K 90 30.20 -48.33 -15.81
CA PRO K 90 31.38 -48.52 -14.99
C PRO K 90 31.11 -49.57 -13.90
N ASP K 91 32.17 -49.92 -13.19
CA ASP K 91 32.15 -50.79 -12.00
C ASP K 91 30.94 -50.53 -11.11
N PRO K 92 30.29 -51.58 -10.60
CA PRO K 92 29.01 -51.36 -9.86
C PRO K 92 29.06 -50.53 -8.58
N ASP K 93 30.24 -50.39 -7.95
CA ASP K 93 30.42 -49.58 -6.73
C ASP K 93 31.02 -48.21 -7.05
N PHE K 94 31.03 -47.81 -8.31
CA PHE K 94 31.54 -46.49 -8.75
C PHE K 94 30.91 -45.45 -7.88
N THR K 95 31.69 -44.49 -7.41
CA THR K 95 31.16 -43.45 -6.49
C THR K 95 31.16 -42.09 -7.18
N VAL K 96 30.57 -41.09 -6.53
CA VAL K 96 30.61 -39.72 -7.03
C VAL K 96 32.08 -39.22 -7.03
N ASN K 97 32.90 -39.69 -6.07
CA ASN K 97 34.28 -39.26 -6.05
C ASN K 97 35.02 -39.81 -7.26
N ASP K 98 34.68 -41.04 -7.69
CA ASP K 98 35.21 -41.60 -8.97
C ASP K 98 34.80 -40.74 -10.21
N VAL K 99 33.53 -40.35 -10.31
CA VAL K 99 33.05 -39.44 -11.36
C VAL K 99 33.91 -38.21 -11.32
N LYS K 100 34.07 -37.67 -10.11
CA LYS K 100 34.91 -36.43 -9.92
C LYS K 100 36.35 -36.56 -10.48
N MET K 101 36.99 -37.66 -10.16
CA MET K 101 38.35 -37.87 -10.64
C MET K 101 38.47 -38.06 -12.18
N CYS K 102 37.40 -38.60 -12.78
CA CYS K 102 37.27 -38.80 -14.24
C CYS K 102 36.99 -37.51 -15.03
N VAL K 103 36.27 -36.57 -14.45
CA VAL K 103 35.92 -35.33 -15.14
C VAL K 103 36.72 -34.14 -14.68
N GLY K 104 37.21 -34.19 -13.45
CA GLY K 104 38.15 -33.20 -12.88
C GLY K 104 37.52 -32.53 -11.67
N SER K 105 38.27 -32.44 -10.58
CA SER K 105 37.83 -31.73 -9.37
C SER K 105 37.38 -30.31 -9.68
N ARG K 106 37.99 -29.67 -10.69
CA ARG K 106 37.68 -28.27 -10.98
C ARG K 106 36.65 -28.01 -12.04
N ARG K 107 36.10 -29.05 -12.61
CA ARG K 107 34.95 -28.91 -13.55
C ARG K 107 33.73 -28.20 -12.86
N MET K 108 33.26 -27.10 -13.47
CA MET K 108 32.06 -26.43 -13.03
C MET K 108 30.84 -27.25 -13.45
N VAL K 109 29.92 -27.44 -12.52
CA VAL K 109 28.78 -28.30 -12.73
C VAL K 109 27.58 -27.46 -12.39
N ASP K 110 26.55 -27.55 -13.22
CA ASP K 110 25.23 -26.97 -12.95
C ASP K 110 24.53 -27.88 -11.92
N VAL K 111 24.13 -27.26 -10.83
CA VAL K 111 23.40 -27.92 -9.78
C VAL K 111 22.00 -27.33 -9.69
N MET K 112 21.02 -28.16 -9.41
CA MET K 112 19.66 -27.66 -9.22
C MET K 112 19.33 -27.63 -7.72
N ASP K 113 18.86 -26.49 -7.28
CA ASP K 113 18.26 -26.29 -5.93
C ASP K 113 16.84 -26.86 -6.02
N VAL K 114 16.61 -27.98 -5.37
CA VAL K 114 15.36 -28.65 -5.46
C VAL K 114 14.16 -27.80 -5.04
N ASN K 115 14.32 -27.04 -3.96
CA ASN K 115 13.25 -26.20 -3.42
C ASN K 115 12.71 -25.16 -4.38
N THR K 116 13.59 -24.59 -5.20
CA THR K 116 13.25 -23.55 -6.13
C THR K 116 13.17 -24.01 -7.59
N GLN K 117 13.75 -25.17 -7.92
CA GLN K 117 13.98 -25.61 -9.31
C GLN K 117 14.86 -24.63 -10.15
N LYS K 118 15.67 -23.85 -9.48
CA LYS K 118 16.63 -22.96 -10.12
C LYS K 118 18.00 -23.59 -10.07
N GLY K 119 18.89 -23.05 -10.91
CA GLY K 119 20.25 -23.53 -11.02
C GLY K 119 21.25 -22.74 -10.18
N ILE K 120 22.28 -23.39 -9.65
CA ILE K 120 23.48 -22.72 -9.15
C ILE K 120 24.67 -23.45 -9.76
N GLU K 121 25.87 -22.99 -9.50
CA GLU K 121 27.07 -23.59 -10.03
C GLU K 121 28.06 -23.91 -8.96
N MET K 122 28.65 -25.09 -9.00
CA MET K 122 29.82 -25.35 -8.17
C MET K 122 30.82 -26.27 -8.85
N THR K 123 32.01 -26.39 -8.26
CA THR K 123 32.98 -27.37 -8.77
C THR K 123 32.60 -28.82 -8.45
N MET K 124 33.12 -29.77 -9.24
CA MET K 124 32.82 -31.14 -8.97
C MET K 124 33.30 -31.58 -7.61
N ALA K 125 34.42 -31.01 -7.14
CA ALA K 125 34.92 -31.33 -5.82
C ALA K 125 33.98 -30.84 -4.73
N GLN K 126 33.42 -29.66 -4.90
CA GLN K 126 32.39 -29.14 -4.02
C GLN K 126 31.09 -30.00 -4.04
N TRP K 127 30.66 -30.43 -5.21
CA TRP K 127 29.54 -31.34 -5.37
C TRP K 127 29.80 -32.65 -4.63
N THR K 128 31.01 -33.16 -4.80
CA THR K 128 31.36 -34.40 -4.14
C THR K 128 31.30 -34.28 -2.60
N ARG K 129 31.81 -33.19 -2.06
CA ARG K 129 31.75 -32.96 -0.65
C ARG K 129 30.27 -32.92 -0.18
N TYR K 130 29.41 -32.21 -0.92
CA TYR K 130 28.01 -32.18 -0.58
C TYR K 130 27.43 -33.60 -0.60
N TYR K 131 27.74 -34.37 -1.63
CA TYR K 131 27.16 -35.69 -1.78
C TYR K 131 27.62 -36.68 -0.71
N GLU K 132 28.84 -36.52 -0.23
CA GLU K 132 29.41 -37.39 0.80
C GLU K 132 29.02 -36.94 2.19
N THR K 133 28.44 -35.74 2.35
CA THR K 133 27.91 -35.25 3.63
C THR K 133 26.70 -36.11 4.08
N PRO K 134 26.63 -36.52 5.38
CA PRO K 134 25.46 -37.26 5.85
C PRO K 134 24.18 -36.46 5.69
N GLU K 135 23.09 -37.18 5.41
CA GLU K 135 21.78 -36.64 5.06
C GLU K 135 21.31 -35.55 6.05
N GLU K 136 21.39 -35.88 7.34
CA GLU K 136 21.06 -34.93 8.40
C GLU K 136 21.89 -33.67 8.45
N GLU K 137 23.07 -33.70 7.83
CA GLU K 137 23.96 -32.55 7.84
C GLU K 137 23.83 -31.67 6.61
N ARG K 138 23.09 -32.11 5.61
CA ARG K 138 22.91 -31.27 4.41
C ARG K 138 21.87 -30.18 4.69
N GLU K 139 22.22 -28.94 4.41
CA GLU K 139 21.30 -27.83 4.63
C GLU K 139 20.09 -27.82 3.67
N LYS K 140 20.37 -27.98 2.38
CA LYS K 140 19.34 -27.96 1.34
C LYS K 140 19.53 -29.20 0.48
N LEU K 141 18.55 -29.48 -0.37
CA LEU K 141 18.55 -30.60 -1.28
C LEU K 141 19.02 -30.06 -2.60
N TYR K 142 20.06 -30.63 -3.14
CA TYR K 142 20.57 -30.25 -4.47
C TYR K 142 20.67 -31.50 -5.32
N ASN K 143 20.50 -31.34 -6.63
CA ASN K 143 20.50 -32.41 -7.58
C ASN K 143 21.40 -32.05 -8.77
N VAL K 144 22.15 -33.02 -9.29
CA VAL K 144 22.92 -32.81 -10.54
C VAL K 144 22.31 -33.67 -11.60
N ILE K 145 21.75 -33.00 -12.59
CA ILE K 145 21.11 -33.69 -13.69
C ILE K 145 21.69 -33.36 -15.08
N SER K 146 22.80 -32.64 -15.13
CA SER K 146 23.22 -32.07 -16.35
C SER K 146 24.74 -32.13 -16.61
N LEU K 147 25.39 -33.16 -16.08
CA LEU K 147 26.79 -33.31 -16.24
C LEU K 147 27.11 -34.11 -17.51
N GLU K 148 27.39 -33.42 -18.61
CA GLU K 148 27.69 -34.14 -19.88
C GLU K 148 29.19 -34.44 -19.92
N PHE K 149 29.52 -35.73 -19.95
CA PHE K 149 30.88 -36.16 -19.78
C PHE K 149 31.57 -36.69 -21.04
N SER K 150 31.03 -36.44 -22.23
CA SER K 150 31.79 -36.75 -23.41
C SER K 150 33.12 -36.01 -23.36
N HIS K 151 34.16 -36.64 -23.92
CA HIS K 151 35.54 -36.11 -24.02
C HIS K 151 36.24 -35.96 -22.68
N THR K 152 35.83 -36.77 -21.70
CA THR K 152 36.52 -36.95 -20.46
C THR K 152 36.84 -38.45 -20.39
N ARG K 153 37.62 -38.81 -19.38
CA ARG K 153 38.00 -40.21 -19.10
C ARG K 153 36.80 -41.12 -18.85
N LEU K 154 35.73 -40.55 -18.31
CA LEU K 154 34.51 -41.31 -18.11
C LEU K 154 33.78 -41.78 -19.37
N GLU K 155 33.97 -41.07 -20.47
CA GLU K 155 33.32 -41.37 -21.71
C GLU K 155 33.41 -42.82 -22.15
N ASN K 156 34.60 -43.39 -22.15
CA ASN K 156 34.73 -44.79 -22.60
C ASN K 156 34.24 -45.82 -21.60
N MET K 157 33.92 -45.42 -20.39
CA MET K 157 33.35 -46.34 -19.42
C MET K 157 31.86 -46.55 -19.56
N VAL K 158 31.18 -45.77 -20.40
CA VAL K 158 29.71 -45.81 -20.54
C VAL K 158 29.37 -45.90 -22.02
N GLN K 159 28.56 -46.88 -22.38
CA GLN K 159 28.08 -46.99 -23.76
C GLN K 159 26.60 -47.13 -23.74
N ARG K 160 25.94 -46.40 -24.64
CA ARG K 160 24.49 -46.39 -24.64
C ARG K 160 23.96 -47.56 -25.44
N PRO K 161 22.62 -47.80 -25.42
CA PRO K 161 22.15 -48.92 -26.22
C PRO K 161 22.55 -48.82 -27.67
N SER K 162 23.01 -49.92 -28.21
CA SER K 162 23.42 -49.97 -29.63
C SER K 162 22.47 -49.43 -30.59
N THR K 163 21.17 -49.80 -30.45
CA THR K 163 20.16 -49.32 -31.40
C THR K 163 20.13 -47.79 -31.52
N VAL K 164 20.35 -47.11 -30.42
CA VAL K 164 20.38 -45.62 -30.41
C VAL K 164 21.46 -45.09 -31.40
N ASP K 165 22.63 -45.75 -31.44
CA ASP K 165 23.71 -45.32 -32.33
C ASP K 165 23.27 -45.35 -33.77
N PHE K 166 22.43 -46.33 -34.13
CA PHE K 166 21.96 -46.43 -35.51
C PHE K 166 21.01 -45.32 -35.93
N ILE K 167 20.34 -44.70 -34.98
CA ILE K 167 19.28 -43.69 -35.30
C ILE K 167 19.52 -42.26 -34.81
N ASP K 168 20.47 -42.09 -33.87
CA ASP K 168 20.85 -40.74 -33.40
C ASP K 168 21.32 -39.86 -34.54
N TRP K 169 20.73 -38.68 -34.62
CA TRP K 169 21.06 -37.72 -35.59
C TRP K 169 22.48 -37.23 -35.41
N VAL K 170 22.97 -37.16 -34.19
CA VAL K 170 24.35 -36.75 -34.00
C VAL K 170 25.28 -37.65 -34.73
N ASP K 171 25.14 -38.96 -34.51
CA ASP K 171 26.04 -39.95 -35.14
C ASP K 171 25.86 -40.15 -36.61
N ASN K 172 24.65 -39.92 -37.12
CA ASN K 172 24.34 -40.28 -38.47
C ASN K 172 24.21 -39.10 -39.42
N MET K 173 23.98 -37.94 -38.89
CA MET K 173 23.71 -36.79 -39.75
C MET K 173 24.73 -35.67 -39.65
N TRP K 174 25.27 -35.40 -38.46
CA TRP K 174 26.23 -34.27 -38.27
C TRP K 174 27.57 -34.56 -38.97
N PRO K 175 28.13 -33.61 -39.78
CA PRO K 175 29.46 -33.76 -40.40
C PRO K 175 30.54 -34.35 -39.43
N ARG K 176 31.06 -35.49 -39.81
CA ARG K 176 31.81 -36.29 -38.89
C ARG K 176 33.11 -35.58 -38.46
N HIS K 177 33.73 -34.84 -39.39
CA HIS K 177 34.96 -34.12 -39.08
C HIS K 177 34.74 -33.04 -38.05
N LEU K 178 33.52 -32.57 -37.90
CA LEU K 178 33.25 -31.60 -36.85
C LEU K 178 33.14 -32.28 -35.49
N LYS K 179 32.39 -33.34 -35.47
CA LYS K 179 32.23 -34.08 -34.24
C LYS K 179 33.60 -34.51 -33.71
N GLU K 180 34.44 -35.03 -34.59
CA GLU K 180 35.73 -35.57 -34.15
C GLU K 180 36.69 -34.54 -33.66
N SER K 181 36.45 -33.27 -34.01
CA SER K 181 37.32 -32.21 -33.65
C SER K 181 37.10 -31.66 -32.23
N GLN K 182 36.01 -32.02 -31.59
CA GLN K 182 35.70 -31.54 -30.23
C GLN K 182 36.77 -31.89 -29.23
N THR K 183 37.28 -30.88 -28.55
CA THR K 183 38.23 -31.10 -27.46
C THR K 183 37.67 -30.70 -26.10
N GLU K 184 36.78 -29.73 -26.06
CA GLU K 184 36.25 -29.24 -24.80
C GLU K 184 35.31 -30.27 -24.15
N SER K 185 35.55 -30.55 -22.88
CA SER K 185 34.72 -31.51 -22.18
C SER K 185 33.53 -30.88 -21.44
N THR K 186 33.50 -29.54 -21.32
CA THR K 186 32.32 -28.84 -20.79
C THR K 186 31.33 -28.49 -21.90
N ASN K 187 30.17 -27.95 -21.54
CA ASN K 187 29.14 -27.56 -22.51
C ASN K 187 29.22 -26.05 -22.87
N ALA K 188 30.42 -25.45 -22.72
CA ALA K 188 30.74 -24.10 -23.26
C ALA K 188 30.41 -24.00 -24.75
N ILE K 189 29.45 -23.13 -25.06
CA ILE K 189 28.85 -23.11 -26.41
C ILE K 189 29.85 -22.65 -27.49
N LEU K 190 30.75 -21.72 -27.17
CA LEU K 190 31.74 -21.26 -28.15
C LEU K 190 32.77 -22.31 -28.56
N GLU K 191 32.99 -23.33 -27.73
CA GLU K 191 33.88 -24.47 -28.03
C GLU K 191 33.19 -25.68 -28.66
N MET K 192 31.86 -25.66 -28.75
CA MET K 192 31.07 -26.82 -29.10
C MET K 192 30.98 -26.99 -30.61
N GLN K 193 31.44 -28.13 -31.11
CA GLN K 193 31.51 -28.40 -32.56
C GLN K 193 30.34 -29.22 -33.08
N TYR K 194 29.56 -29.77 -32.17
CA TYR K 194 28.38 -30.59 -32.46
C TYR K 194 27.45 -30.53 -31.25
N PRO K 195 26.19 -31.02 -31.36
CA PRO K 195 25.33 -31.01 -30.20
C PRO K 195 25.76 -32.01 -29.10
N LYS K 196 26.43 -31.49 -28.08
CA LYS K 196 27.04 -32.35 -27.06
C LYS K 196 26.03 -32.66 -25.99
N VAL K 197 25.18 -33.64 -26.30
CA VAL K 197 24.06 -33.98 -25.47
C VAL K 197 23.94 -35.52 -25.32
N GLN K 198 25.01 -36.27 -25.58
CA GLN K 198 24.89 -37.70 -25.72
C GLN K 198 25.08 -38.50 -24.42
N LYS K 199 25.89 -38.02 -23.50
CA LYS K 199 26.18 -38.85 -22.29
C LYS K 199 26.22 -37.96 -21.05
N TYR K 200 25.24 -38.13 -20.15
CA TYR K 200 25.10 -37.35 -18.96
C TYR K 200 25.16 -38.27 -17.76
N CYS K 201 25.72 -37.73 -16.69
CA CYS K 201 25.80 -38.37 -15.40
C CYS K 201 24.84 -37.56 -14.53
N LEU K 202 23.94 -38.26 -13.84
CA LEU K 202 23.06 -37.64 -12.92
C LEU K 202 23.31 -38.19 -11.55
N MET K 203 23.33 -37.29 -10.57
CA MET K 203 23.75 -37.66 -9.22
C MET K 203 22.75 -37.00 -8.33
N SER K 204 22.01 -37.81 -7.60
CA SER K 204 20.82 -37.31 -6.95
C SER K 204 20.80 -37.90 -5.56
N VAL K 205 20.57 -37.06 -4.58
CA VAL K 205 20.43 -37.51 -3.18
C VAL K 205 18.97 -37.80 -2.86
N ARG K 206 18.76 -38.54 -1.78
CA ARG K 206 17.44 -38.95 -1.36
C ARG K 206 16.61 -37.74 -1.14
N GLY K 207 15.39 -37.75 -1.67
CA GLY K 207 14.49 -36.64 -1.51
C GLY K 207 14.49 -35.66 -2.69
N CYS K 208 15.41 -35.81 -3.64
CA CYS K 208 15.42 -34.89 -4.80
C CYS K 208 14.15 -35.08 -5.63
N TYR K 209 13.68 -33.97 -6.22
CA TYR K 209 12.54 -33.97 -7.09
C TYR K 209 12.80 -33.00 -8.23
N THR K 210 12.54 -33.46 -9.47
CA THR K 210 12.59 -32.61 -10.69
C THR K 210 11.10 -32.47 -11.17
N ASP K 211 10.62 -31.24 -11.25
CA ASP K 211 9.24 -31.01 -11.59
C ASP K 211 8.99 -31.31 -13.09
N PHE K 212 7.72 -31.30 -13.49
CA PHE K 212 7.32 -31.80 -14.80
C PHE K 212 7.97 -31.01 -15.88
N HIS K 213 8.42 -31.72 -16.91
CA HIS K 213 9.07 -31.05 -18.04
C HIS K 213 9.05 -31.98 -19.22
N VAL K 214 9.44 -31.41 -20.35
CA VAL K 214 9.74 -32.15 -21.56
C VAL K 214 11.24 -31.94 -21.89
N ASP K 215 11.94 -33.01 -22.18
CA ASP K 215 13.39 -32.93 -22.43
C ASP K 215 13.63 -32.05 -23.63
N PHE K 216 14.81 -31.40 -23.64
CA PHE K 216 15.03 -30.36 -24.63
C PHE K 216 14.96 -30.80 -26.09
N GLY K 217 14.39 -29.91 -26.95
CA GLY K 217 14.22 -30.15 -28.37
C GLY K 217 13.30 -31.26 -28.81
N GLY K 218 12.52 -31.78 -27.87
CA GLY K 218 11.79 -32.97 -28.11
C GLY K 218 12.63 -34.23 -28.21
N THR K 219 13.81 -34.20 -27.62
CA THR K 219 14.67 -35.36 -27.62
C THR K 219 13.97 -36.56 -26.92
N SER K 220 14.32 -37.74 -27.40
CA SER K 220 14.13 -38.98 -26.69
C SER K 220 15.30 -39.20 -25.78
N VAL K 221 15.09 -39.98 -24.70
CA VAL K 221 16.07 -40.10 -23.63
C VAL K 221 16.19 -41.58 -23.33
N TRP K 222 17.42 -42.04 -23.11
CA TRP K 222 17.69 -43.35 -22.49
C TRP K 222 18.27 -43.03 -21.13
N TYR K 223 17.97 -43.86 -20.15
CA TYR K 223 18.22 -43.51 -18.76
C TYR K 223 18.49 -44.86 -18.01
N HIS K 224 19.70 -45.03 -17.49
CA HIS K 224 20.11 -46.28 -16.80
C HIS K 224 20.43 -46.06 -15.32
N ILE K 225 19.72 -46.80 -14.46
CA ILE K 225 19.91 -46.71 -13.03
C ILE K 225 21.11 -47.60 -12.71
N HIS K 226 22.25 -46.93 -12.57
CA HIS K 226 23.43 -47.59 -12.18
C HIS K 226 23.37 -48.02 -10.69
N GLN K 227 22.97 -47.11 -9.82
CA GLN K 227 22.75 -47.43 -8.41
C GLN K 227 21.60 -46.59 -7.92
N GLY K 228 20.75 -47.21 -7.12
CA GLY K 228 19.71 -46.52 -6.42
C GLY K 228 18.35 -46.79 -7.04
N GLY K 229 17.54 -45.76 -7.20
CA GLY K 229 16.21 -45.89 -7.80
C GLY K 229 15.57 -44.54 -8.00
N LYS K 230 14.59 -44.49 -8.89
CA LYS K 230 13.88 -43.27 -9.26
C LYS K 230 12.38 -43.61 -9.42
N VAL K 231 11.53 -42.63 -9.17
CA VAL K 231 10.10 -42.75 -9.43
C VAL K 231 9.75 -41.64 -10.44
N PHE K 232 9.11 -42.04 -11.54
CA PHE K 232 8.70 -41.15 -12.60
C PHE K 232 7.16 -41.04 -12.61
N TRP K 233 6.63 -39.83 -12.84
CA TRP K 233 5.25 -39.67 -13.23
C TRP K 233 5.29 -39.33 -14.72
N LEU K 234 4.56 -40.08 -15.53
CA LEU K 234 4.58 -39.98 -17.02
C LEU K 234 3.25 -39.53 -17.58
N ILE K 235 3.28 -38.57 -18.49
CA ILE K 235 2.09 -37.98 -19.02
C ILE K 235 2.33 -37.98 -20.53
N PRO K 236 1.34 -38.48 -21.32
CA PRO K 236 1.51 -38.63 -22.75
C PRO K 236 1.38 -37.29 -23.49
N PRO K 237 2.12 -37.12 -24.61
CA PRO K 237 2.07 -35.85 -25.36
C PRO K 237 0.89 -35.71 -26.34
N THR K 238 -0.32 -35.85 -25.81
CA THR K 238 -1.53 -35.60 -26.59
C THR K 238 -1.55 -34.09 -26.75
N ALA K 239 -2.21 -33.64 -27.80
CA ALA K 239 -2.37 -32.20 -28.06
C ALA K 239 -2.99 -31.43 -26.86
N HIS K 240 -3.93 -32.08 -26.16
CA HIS K 240 -4.53 -31.50 -24.98
C HIS K 240 -3.53 -31.37 -23.81
N ASN K 241 -2.77 -32.42 -23.53
CA ASN K 241 -1.78 -32.36 -22.49
C ASN K 241 -0.62 -31.40 -22.77
N LEU K 242 -0.21 -31.31 -24.03
CA LEU K 242 0.83 -30.37 -24.37
C LEU K 242 0.34 -28.91 -24.26
N GLU K 243 -0.95 -28.66 -24.54
CA GLU K 243 -1.50 -27.33 -24.29
C GLU K 243 -1.55 -27.05 -22.79
N LEU K 244 -1.90 -28.05 -21.98
CA LEU K 244 -1.94 -27.82 -20.55
C LEU K 244 -0.55 -27.47 -20.04
N TYR K 245 0.42 -28.27 -20.44
CA TYR K 245 1.82 -28.06 -20.17
C TYR K 245 2.31 -26.67 -20.52
N GLU K 246 2.05 -26.21 -21.75
CA GLU K 246 2.46 -24.87 -22.09
C GLU K 246 1.77 -23.81 -21.20
N ASN K 247 0.46 -23.96 -21.01
CA ASN K 247 -0.30 -23.06 -20.16
C ASN K 247 0.22 -23.05 -18.73
N TRP K 248 0.63 -24.22 -18.23
CA TRP K 248 1.16 -24.34 -16.88
C TRP K 248 2.49 -23.60 -16.82
N LEU K 249 3.36 -23.77 -17.83
CA LEU K 249 4.63 -22.99 -17.92
C LEU K 249 4.37 -21.49 -18.03
N LEU K 250 3.41 -21.09 -18.85
CA LEU K 250 3.18 -19.64 -18.99
C LEU K 250 2.55 -18.99 -17.76
N SER K 251 1.89 -19.77 -16.91
CA SER K 251 1.24 -19.29 -15.69
C SER K 251 2.26 -18.96 -14.62
N GLY K 252 3.42 -19.58 -14.70
CA GLY K 252 4.43 -19.41 -13.66
C GLY K 252 4.03 -20.05 -12.32
N LYS K 253 2.97 -20.88 -12.30
CA LYS K 253 2.41 -21.42 -11.02
C LYS K 253 2.68 -22.91 -10.82
N GLN K 254 3.91 -23.29 -11.17
CA GLN K 254 4.38 -24.68 -11.13
C GLN K 254 4.68 -25.26 -9.73
N GLY K 255 5.03 -24.37 -8.81
CA GLY K 255 5.11 -24.69 -7.39
C GLY K 255 3.74 -24.97 -6.75
N ASP K 256 2.69 -24.40 -7.34
CA ASP K 256 1.30 -24.45 -6.81
C ASP K 256 0.43 -25.59 -7.36
N ILE K 257 0.75 -26.07 -8.55
CA ILE K 257 -0.09 -27.02 -9.24
C ILE K 257 0.74 -28.24 -9.60
N PHE K 258 0.38 -29.42 -9.09
CA PHE K 258 0.94 -30.69 -9.56
C PHE K 258 0.26 -31.06 -10.88
N LEU K 259 1.05 -31.03 -11.96
CA LEU K 259 0.50 -31.17 -13.29
C LEU K 259 -0.19 -32.49 -13.55
N GLY K 260 0.29 -33.55 -12.93
CA GLY K 260 -0.25 -34.89 -13.07
C GLY K 260 -1.69 -35.04 -12.58
N ASP K 261 -2.11 -34.13 -11.70
CA ASP K 261 -3.54 -33.96 -11.38
C ASP K 261 -4.36 -33.30 -12.50
N ARG K 262 -3.78 -32.35 -13.22
CA ARG K 262 -4.48 -31.58 -14.26
C ARG K 262 -4.71 -32.30 -15.60
N VAL K 263 -4.13 -33.49 -15.76
CA VAL K 263 -4.20 -34.18 -17.06
C VAL K 263 -5.17 -35.32 -17.05
N SER K 264 -5.46 -35.79 -18.26
CA SER K 264 -6.37 -36.89 -18.51
C SER K 264 -5.92 -38.17 -17.84
N ASP K 265 -4.62 -38.47 -17.96
CA ASP K 265 -4.04 -39.77 -17.60
C ASP K 265 -2.51 -39.68 -17.30
N CYS K 266 -2.08 -40.38 -16.27
CA CYS K 266 -0.73 -40.25 -15.73
C CYS K 266 -0.36 -41.61 -15.14
N GLN K 267 0.83 -42.13 -15.52
CA GLN K 267 1.40 -43.32 -14.88
C GLN K 267 2.57 -42.98 -13.94
N ARG K 268 2.49 -43.42 -12.69
CA ARG K 268 3.58 -43.31 -11.77
C ARG K 268 4.23 -44.67 -11.76
N ILE K 269 5.54 -44.73 -11.90
CA ILE K 269 6.22 -46.01 -12.05
C ILE K 269 7.61 -45.90 -11.43
N GLU K 270 8.09 -47.00 -10.86
CA GLU K 270 9.38 -47.06 -10.17
C GLU K 270 10.36 -47.72 -11.05
N LEU K 271 11.54 -47.12 -11.15
CA LEU K 271 12.64 -47.73 -11.83
C LEU K 271 13.58 -48.12 -10.75
N LYS K 272 14.01 -49.36 -10.80
CA LYS K 272 14.95 -49.93 -9.90
C LYS K 272 16.35 -50.07 -10.51
N GLN K 273 17.27 -50.47 -9.65
CA GLN K 273 18.68 -50.56 -10.03
C GLN K 273 18.91 -51.59 -11.12
N GLY K 274 19.64 -51.17 -12.15
CA GLY K 274 19.83 -51.98 -13.33
C GLY K 274 18.80 -51.86 -14.43
N TYR K 275 17.71 -51.15 -14.21
CA TYR K 275 16.75 -50.96 -15.28
C TYR K 275 17.28 -49.91 -16.24
N THR K 276 16.86 -50.03 -17.50
CA THR K 276 17.09 -48.98 -18.50
C THR K 276 15.75 -48.55 -19.03
N PHE K 277 15.51 -47.23 -19.04
CA PHE K 277 14.26 -46.64 -19.41
C PHE K 277 14.46 -45.82 -20.69
N VAL K 278 13.56 -45.94 -21.68
CA VAL K 278 13.57 -45.09 -22.89
C VAL K 278 12.32 -44.28 -22.96
N ILE K 279 12.50 -42.98 -23.05
CA ILE K 279 11.38 -42.02 -22.98
C ILE K 279 11.26 -41.41 -24.39
N PRO K 280 10.07 -41.55 -25.06
CA PRO K 280 9.89 -41.02 -26.39
C PRO K 280 9.78 -39.51 -26.36
N SER K 281 9.92 -38.92 -27.55
CA SER K 281 9.83 -37.50 -27.73
C SER K 281 8.53 -37.02 -27.15
N GLY K 282 8.62 -35.92 -26.45
CA GLY K 282 7.44 -35.14 -26.01
C GLY K 282 6.79 -35.54 -24.70
N TRP K 283 7.17 -36.68 -24.13
CA TRP K 283 6.58 -37.10 -22.87
C TRP K 283 6.91 -36.18 -21.69
N ILE K 284 5.86 -35.79 -20.96
CA ILE K 284 5.92 -34.83 -19.91
C ILE K 284 6.15 -35.67 -18.67
N HIS K 285 7.16 -35.36 -17.88
CA HIS K 285 7.54 -36.26 -16.82
C HIS K 285 8.20 -35.50 -15.67
N ALA K 286 8.00 -36.03 -14.49
CA ALA K 286 8.55 -35.54 -13.22
C ALA K 286 9.18 -36.75 -12.50
N VAL K 287 10.17 -36.49 -11.69
CA VAL K 287 11.00 -37.50 -11.15
C VAL K 287 11.32 -37.23 -9.67
N TYR K 288 11.22 -38.27 -8.89
CA TYR K 288 11.54 -38.27 -7.48
C TYR K 288 12.59 -39.33 -7.21
N THR K 289 13.51 -39.00 -6.30
CA THR K 289 14.62 -39.82 -5.96
C THR K 289 14.44 -40.36 -4.51
N PRO K 290 14.06 -41.64 -4.37
CA PRO K 290 13.81 -42.17 -3.00
C PRO K 290 15.07 -42.62 -2.23
N THR K 291 16.20 -42.67 -2.90
CA THR K 291 17.42 -43.15 -2.26
C THR K 291 18.54 -42.48 -3.01
N ASP K 292 19.72 -42.31 -2.41
CA ASP K 292 20.86 -41.77 -3.13
C ASP K 292 21.11 -42.52 -4.42
N THR K 293 21.24 -41.82 -5.52
CA THR K 293 21.34 -42.55 -6.79
C THR K 293 22.26 -41.94 -7.80
N LEU K 294 22.84 -42.83 -8.60
CA LEU K 294 23.66 -42.50 -9.72
C LEU K 294 23.03 -43.09 -11.02
N VAL K 295 22.89 -42.22 -12.04
CA VAL K 295 22.29 -42.52 -13.31
C VAL K 295 23.16 -42.10 -14.46
N PHE K 296 23.19 -42.94 -15.49
CA PHE K 296 23.81 -42.58 -16.77
C PHE K 296 22.73 -42.60 -17.82
N GLY K 297 22.69 -41.54 -18.64
CA GLY K 297 21.65 -41.43 -19.63
C GLY K 297 22.08 -40.43 -20.70
N GLY K 298 21.18 -40.15 -21.63
CA GLY K 298 21.50 -39.25 -22.72
C GLY K 298 20.33 -39.03 -23.65
N ASN K 299 20.53 -38.07 -24.55
CA ASN K 299 19.47 -37.49 -25.34
C ASN K 299 19.78 -37.81 -26.75
N PHE K 300 18.72 -37.93 -27.57
CA PHE K 300 18.91 -38.10 -29.00
C PHE K 300 17.70 -37.63 -29.74
N LEU K 301 17.94 -36.98 -30.88
CA LEU K 301 16.90 -36.79 -31.85
C LEU K 301 16.99 -37.91 -32.87
N HIS K 302 15.84 -38.23 -33.53
CA HIS K 302 15.79 -39.29 -34.55
C HIS K 302 14.76 -38.98 -35.64
N SER K 303 14.75 -39.76 -36.71
CA SER K 303 13.99 -39.40 -37.90
C SER K 303 12.52 -39.92 -37.90
N PHE K 304 12.10 -40.58 -36.81
CA PHE K 304 10.85 -41.28 -36.76
C PHE K 304 9.78 -40.53 -35.99
N ASN K 305 10.15 -39.43 -35.33
CA ASN K 305 9.17 -38.57 -34.68
C ASN K 305 9.53 -37.09 -34.77
N ILE K 306 9.86 -36.71 -35.99
CA ILE K 306 10.16 -35.34 -36.28
C ILE K 306 9.06 -34.39 -35.92
N PRO K 307 7.77 -34.68 -36.25
CA PRO K 307 6.70 -33.73 -35.94
C PRO K 307 6.63 -33.37 -34.45
N MET K 308 6.75 -34.40 -33.61
CA MET K 308 6.78 -34.13 -32.17
C MET K 308 8.04 -33.29 -31.74
N GLN K 309 9.21 -33.63 -32.28
CA GLN K 309 10.44 -32.85 -32.02
C GLN K 309 10.26 -31.36 -32.30
N LEU K 310 9.63 -31.06 -33.44
CA LEU K 310 9.43 -29.68 -33.86
C LEU K 310 8.42 -29.00 -32.95
N LYS K 311 7.42 -29.77 -32.53
CA LYS K 311 6.36 -29.28 -31.67
C LYS K 311 6.92 -28.81 -30.32
N ILE K 312 7.74 -29.66 -29.72
CA ILE K 312 8.45 -29.28 -28.49
C ILE K 312 9.33 -28.08 -28.63
N TYR K 313 10.14 -28.04 -29.68
CA TYR K 313 10.94 -26.89 -29.98
C TYR K 313 10.10 -25.62 -30.00
N ASN K 314 8.90 -25.67 -30.60
CA ASN K 314 8.08 -24.46 -30.70
C ASN K 314 7.45 -24.07 -29.37
N ILE K 315 7.24 -25.02 -28.44
CA ILE K 315 6.82 -24.68 -27.08
C ILE K 315 7.95 -23.96 -26.37
N GLU K 316 9.19 -24.44 -26.54
CA GLU K 316 10.36 -23.74 -25.95
C GLU K 316 10.44 -22.27 -26.45
N ASP K 317 10.17 -22.10 -27.71
CA ASP K 317 10.28 -20.76 -28.33
C ASP K 317 9.22 -19.80 -27.73
N ARG K 318 7.99 -20.28 -27.64
CA ARG K 318 6.87 -19.51 -27.16
C ARG K 318 6.96 -19.28 -25.66
N THR K 319 7.45 -20.22 -24.90
CA THR K 319 7.57 -20.00 -23.45
C THR K 319 8.92 -19.31 -23.07
N ARG K 320 9.70 -18.88 -24.06
CA ARG K 320 10.96 -18.18 -23.94
C ARG K 320 12.05 -18.91 -23.12
N VAL K 321 12.21 -20.21 -23.35
CA VAL K 321 13.30 -20.92 -22.69
C VAL K 321 14.66 -20.33 -23.11
N PRO K 322 15.54 -19.94 -22.14
CA PRO K 322 16.86 -19.51 -22.57
C PRO K 322 17.60 -20.58 -23.37
N ASN K 323 18.40 -20.18 -24.37
CA ASN K 323 19.18 -21.13 -25.17
C ASN K 323 20.05 -22.13 -24.35
N LYS K 324 20.59 -21.68 -23.21
CA LYS K 324 21.34 -22.54 -22.29
C LYS K 324 20.65 -23.90 -22.04
N PHE K 325 19.33 -23.90 -21.96
CA PHE K 325 18.57 -25.13 -21.58
C PHE K 325 18.01 -25.89 -22.77
N ARG K 326 18.48 -25.57 -23.97
CA ARG K 326 17.92 -26.11 -25.19
C ARG K 326 18.94 -26.98 -25.93
N TYR K 327 18.47 -27.64 -26.97
CA TYR K 327 19.33 -28.45 -27.80
C TYR K 327 20.23 -27.53 -28.66
N PRO K 328 21.55 -27.69 -28.50
CA PRO K 328 22.43 -26.84 -29.31
C PRO K 328 22.38 -27.15 -30.80
N PHE K 329 22.40 -26.10 -31.59
CA PHE K 329 22.49 -26.21 -33.03
C PHE K 329 21.33 -27.02 -33.63
N TYR K 330 20.14 -26.86 -33.07
CA TYR K 330 18.95 -27.57 -33.47
C TYR K 330 18.58 -27.45 -34.93
N TYR K 331 18.36 -26.23 -35.41
CA TYR K 331 18.01 -26.08 -36.81
C TYR K 331 19.12 -26.43 -37.79
N GLU K 332 20.35 -26.12 -37.41
CA GLU K 332 21.50 -26.55 -38.13
C GLU K 332 21.47 -28.04 -38.35
N MET K 333 21.24 -28.81 -37.29
CA MET K 333 21.14 -30.23 -37.40
C MET K 333 20.03 -30.64 -38.38
N CYS K 334 18.88 -29.96 -38.30
CA CYS K 334 17.76 -30.26 -39.19
C CYS K 334 18.15 -30.05 -40.68
N TRP K 335 18.90 -28.97 -40.97
CA TRP K 335 19.39 -28.78 -42.34
C TRP K 335 20.28 -29.99 -42.76
N TYR K 336 21.20 -30.39 -41.92
CA TYR K 336 22.06 -31.52 -42.24
C TYR K 336 21.29 -32.81 -42.43
N VAL K 337 20.21 -32.98 -41.69
CA VAL K 337 19.31 -34.16 -41.85
C VAL K 337 18.73 -34.16 -43.25
N LEU K 338 18.24 -33.03 -43.74
CA LEU K 338 17.69 -32.99 -45.09
C LEU K 338 18.71 -33.32 -46.12
N GLU K 339 19.91 -32.83 -45.93
CA GLU K 339 20.98 -33.08 -46.89
C GLU K 339 21.33 -34.54 -46.95
N ARG K 340 21.46 -35.20 -45.81
CA ARG K 340 21.81 -36.61 -45.77
C ARG K 340 20.76 -37.48 -46.45
N TYR K 341 19.48 -37.19 -46.22
CA TYR K 341 18.43 -37.92 -46.89
C TYR K 341 18.51 -37.81 -48.41
N VAL K 342 18.65 -36.57 -48.91
CA VAL K 342 18.82 -36.35 -50.31
C VAL K 342 20.01 -37.07 -50.87
N TYR K 343 21.16 -36.96 -50.18
CA TYR K 343 22.36 -37.57 -50.65
C TYR K 343 22.26 -39.09 -50.65
N CYS K 344 21.81 -39.68 -49.59
CA CYS K 344 21.78 -41.12 -49.49
C CYS K 344 20.82 -41.72 -50.50
N ILE K 345 19.73 -41.02 -50.83
CA ILE K 345 18.73 -41.54 -51.73
C ILE K 345 19.04 -41.23 -53.20
N THR K 346 19.50 -40.04 -53.50
CA THR K 346 19.68 -39.58 -54.89
C THR K 346 21.15 -39.45 -55.27
N ASN K 347 22.05 -39.50 -54.29
CA ASN K 347 23.44 -39.21 -54.51
C ASN K 347 23.80 -37.77 -54.92
N ARG K 348 22.88 -36.81 -54.76
CA ARG K 348 23.13 -35.41 -55.06
C ARG K 348 23.49 -34.71 -53.69
N SER K 349 24.70 -34.18 -53.56
CA SER K 349 25.15 -33.50 -52.35
C SER K 349 24.77 -32.03 -52.32
N HIS K 350 24.25 -31.53 -51.20
CA HIS K 350 24.10 -30.07 -51.03
C HIS K 350 25.08 -29.50 -50.00
N LEU K 351 26.13 -30.27 -49.72
CA LEU K 351 27.26 -29.75 -48.91
C LEU K 351 28.18 -28.94 -49.77
N THR K 352 28.79 -27.95 -49.18
CA THR K 352 29.95 -27.28 -49.81
C THR K 352 30.99 -28.28 -50.31
N LYS K 353 31.67 -27.94 -51.38
CA LYS K 353 32.88 -28.70 -51.85
C LYS K 353 33.83 -29.11 -50.74
N GLU K 354 34.15 -28.18 -49.84
CA GLU K 354 35.04 -28.48 -48.76
C GLU K 354 34.48 -29.51 -47.81
N PHE K 355 33.17 -29.43 -47.48
CA PHE K 355 32.54 -30.45 -46.62
C PHE K 355 32.45 -31.78 -47.32
N GLN K 356 32.21 -31.75 -48.65
CA GLN K 356 32.22 -33.05 -49.44
C GLN K 356 33.57 -33.75 -49.36
N LYS K 357 34.61 -32.93 -49.46
CA LYS K 357 35.99 -33.42 -49.41
C LYS K 357 36.30 -33.98 -48.06
N GLU K 358 35.95 -33.24 -47.01
CA GLU K 358 36.11 -33.79 -45.62
C GLU K 358 35.38 -35.11 -45.42
N SER K 359 34.16 -35.22 -45.96
CA SER K 359 33.42 -36.45 -45.86
C SER K 359 34.08 -37.58 -46.65
N LEU K 360 34.45 -37.34 -47.90
CA LEU K 360 35.24 -38.33 -48.69
C LEU K 360 36.53 -38.85 -48.04
N SER K 361 37.28 -37.94 -47.42
CA SER K 361 38.47 -38.34 -46.74
C SER K 361 38.13 -39.31 -45.63
N MET K 362 37.08 -39.00 -44.88
CA MET K 362 36.64 -39.93 -43.80
C MET K 362 36.11 -41.28 -44.27
N ASP K 363 35.44 -41.31 -45.41
CA ASP K 363 35.00 -42.57 -46.03
C ASP K 363 36.20 -43.46 -46.37
N LEU K 364 37.35 -42.87 -46.64
CA LEU K 364 38.57 -43.62 -46.95
C LEU K 364 39.46 -44.02 -45.78
N GLU K 365 38.99 -43.95 -44.54
CA GLU K 365 39.83 -44.28 -43.37
C GLU K 365 39.87 -45.77 -43.00
N GLN K 451 11.82 -46.70 -56.19
CA GLN K 451 12.73 -47.87 -55.99
C GLN K 451 13.08 -48.02 -54.49
N VAL K 452 13.42 -46.91 -53.82
CA VAL K 452 13.57 -46.88 -52.32
C VAL K 452 12.19 -46.72 -51.61
N HIS K 453 12.07 -47.32 -50.42
CA HIS K 453 10.82 -47.27 -49.63
C HIS K 453 11.09 -46.70 -48.25
N LEU K 454 10.66 -45.46 -48.00
CA LEU K 454 10.69 -44.86 -46.65
C LEU K 454 9.48 -45.25 -45.79
N THR K 455 9.63 -45.25 -44.47
CA THR K 455 8.44 -45.38 -43.60
C THR K 455 7.62 -44.13 -43.68
N HIS K 456 6.32 -44.27 -43.39
CA HIS K 456 5.41 -43.16 -43.30
C HIS K 456 5.80 -42.23 -42.17
N PHE K 457 6.34 -42.78 -41.09
CA PHE K 457 6.95 -41.92 -40.04
C PHE K 457 7.96 -40.93 -40.63
N GLU K 458 8.86 -41.45 -41.45
CA GLU K 458 9.88 -40.61 -42.08
C GLU K 458 9.33 -39.67 -43.12
N LEU K 459 8.40 -40.15 -43.93
CA LEU K 459 7.79 -39.29 -44.93
C LEU K 459 7.02 -38.14 -44.34
N GLU K 460 6.24 -38.43 -43.32
CA GLU K 460 5.50 -37.38 -42.64
C GLU K 460 6.53 -36.37 -42.02
N GLY K 461 7.53 -36.93 -41.33
CA GLY K 461 8.59 -36.14 -40.65
C GLY K 461 9.34 -35.21 -41.59
N LEU K 462 9.72 -35.73 -42.72
CA LEU K 462 10.50 -34.97 -43.62
C LEU K 462 9.66 -33.84 -44.25
N ARG K 463 8.37 -34.09 -44.52
CA ARG K 463 7.50 -33.01 -45.04
C ARG K 463 7.34 -31.93 -43.96
N CYS K 464 7.17 -32.31 -42.70
CA CYS K 464 7.16 -31.30 -41.63
C CYS K 464 8.47 -30.51 -41.57
N LEU K 465 9.58 -31.21 -41.69
CA LEU K 465 10.86 -30.60 -41.59
C LEU K 465 11.12 -29.55 -42.74
N VAL K 466 10.80 -29.95 -43.96
CA VAL K 466 11.01 -29.09 -45.10
C VAL K 466 10.14 -27.84 -44.99
N ASP K 467 8.87 -28.03 -44.64
CA ASP K 467 7.90 -26.94 -44.47
C ASP K 467 8.42 -25.99 -43.36
N LYS K 468 8.85 -26.57 -42.25
CA LYS K 468 9.45 -25.78 -41.17
C LYS K 468 10.67 -24.91 -41.62
N LEU K 469 11.69 -25.53 -42.21
CA LEU K 469 12.90 -24.81 -42.48
C LEU K 469 12.71 -23.81 -43.58
N GLU K 470 11.88 -24.15 -44.55
CA GLU K 470 11.61 -23.24 -45.62
C GLU K 470 10.90 -21.95 -45.18
N SER K 471 10.05 -22.03 -44.17
CA SER K 471 9.23 -20.94 -43.67
C SER K 471 9.83 -20.05 -42.58
N LEU K 472 11.05 -20.35 -42.14
CA LEU K 472 11.69 -19.54 -41.16
C LEU K 472 12.28 -18.37 -41.91
N PRO K 473 12.27 -17.21 -41.26
CA PRO K 473 12.93 -16.05 -41.83
C PRO K 473 14.46 -16.19 -41.72
N LEU K 474 15.18 -15.39 -42.50
CA LEU K 474 16.68 -15.52 -42.63
C LEU K 474 17.40 -15.51 -41.29
N HIS K 475 17.02 -14.57 -40.44
CA HIS K 475 17.59 -14.48 -39.10
C HIS K 475 17.26 -15.60 -38.13
N LYS K 476 16.38 -16.54 -38.50
CA LYS K 476 16.10 -17.72 -37.63
C LYS K 476 16.37 -19.04 -38.35
N LYS K 477 16.70 -19.02 -39.64
CA LYS K 477 16.87 -20.23 -40.46
C LYS K 477 18.06 -21.10 -40.02
N CYS K 478 19.12 -20.45 -39.53
CA CYS K 478 20.31 -21.12 -39.03
C CYS K 478 20.89 -22.09 -40.07
N VAL K 479 21.05 -21.64 -41.32
CA VAL K 479 21.63 -22.51 -42.34
C VAL K 479 23.07 -22.76 -41.91
N PRO K 480 23.51 -24.04 -41.78
CA PRO K 480 24.84 -24.23 -41.28
C PRO K 480 25.92 -24.00 -42.31
N THR K 481 27.13 -23.87 -41.80
CA THR K 481 28.26 -23.55 -42.65
C THR K 481 28.55 -24.66 -43.71
N GLY K 482 28.28 -25.92 -43.43
CA GLY K 482 28.47 -26.92 -44.47
C GLY K 482 27.53 -26.95 -45.68
N ILE K 483 26.42 -26.18 -45.65
CA ILE K 483 25.41 -26.27 -46.65
C ILE K 483 25.66 -25.26 -47.76
N GLU K 484 25.56 -25.70 -49.00
CA GLU K 484 25.87 -24.87 -50.13
C GLU K 484 24.65 -23.99 -50.47
N ASP K 485 23.73 -24.52 -51.27
CA ASP K 485 22.52 -23.80 -51.65
C ASP K 485 21.26 -24.39 -51.00
N GLU K 486 20.84 -23.77 -49.89
CA GLU K 486 19.73 -24.27 -49.09
C GLU K 486 18.39 -24.23 -49.89
N ASP K 487 18.20 -23.25 -50.76
CA ASP K 487 17.00 -23.26 -51.65
C ASP K 487 16.95 -24.47 -52.60
N ALA K 488 18.09 -24.83 -53.21
CA ALA K 488 18.13 -26.00 -54.08
C ALA K 488 17.94 -27.33 -53.28
N LEU K 489 18.51 -27.39 -52.09
CA LEU K 489 18.28 -28.54 -51.18
C LEU K 489 16.77 -28.70 -50.86
N ILE K 490 16.11 -27.61 -50.50
CA ILE K 490 14.68 -27.62 -50.27
C ILE K 490 13.93 -28.10 -51.50
N ALA K 491 14.22 -27.51 -52.65
CA ALA K 491 13.59 -27.91 -53.91
C ALA K 491 13.72 -29.40 -54.15
N ASP K 492 14.91 -29.91 -53.91
CA ASP K 492 15.17 -31.35 -54.07
C ASP K 492 14.44 -32.30 -53.09
N VAL K 493 14.35 -31.87 -51.84
CA VAL K 493 13.61 -32.64 -50.87
C VAL K 493 12.13 -32.71 -51.32
N LYS K 494 11.55 -31.59 -51.75
CA LYS K 494 10.14 -31.59 -52.27
C LYS K 494 9.93 -32.58 -53.41
N ILE K 495 10.86 -32.61 -54.36
CA ILE K 495 10.78 -33.57 -55.49
C ILE K 495 10.88 -34.97 -54.96
N LEU K 496 11.84 -35.17 -54.10
CA LEU K 496 12.04 -36.48 -53.54
C LEU K 496 10.84 -37.03 -52.78
N LEU K 497 10.18 -36.20 -51.98
CA LEU K 497 9.05 -36.63 -51.23
C LEU K 497 7.86 -36.97 -52.12
N GLU K 498 7.73 -36.30 -53.24
CA GLU K 498 6.67 -36.65 -54.21
C GLU K 498 6.94 -38.03 -54.81
N GLU K 499 8.17 -38.23 -55.24
CA GLU K 499 8.55 -39.51 -55.78
C GLU K 499 8.51 -40.66 -54.78
N LEU K 500 8.72 -40.41 -53.50
CA LEU K 500 8.63 -41.43 -52.45
C LEU K 500 7.30 -41.59 -51.77
N ALA K 501 6.29 -40.81 -52.20
CA ALA K 501 4.99 -40.78 -51.57
C ALA K 501 4.29 -42.13 -51.62
N ASN K 502 4.55 -42.93 -52.66
CA ASN K 502 4.04 -44.29 -52.79
C ASN K 502 4.87 -45.38 -52.15
N SER K 503 5.75 -45.04 -51.21
CA SER K 503 6.48 -46.05 -50.49
C SER K 503 5.51 -47.09 -49.93
N ASP K 504 5.85 -48.33 -50.19
CA ASP K 504 5.24 -49.50 -49.64
C ASP K 504 5.62 -49.63 -48.15
N PRO K 505 4.65 -49.47 -47.22
CA PRO K 505 5.02 -49.64 -45.82
C PRO K 505 5.67 -50.97 -45.48
N LYS K 506 5.35 -52.07 -46.17
CA LYS K 506 6.01 -53.37 -45.82
C LYS K 506 7.47 -53.39 -46.19
N LEU K 507 7.75 -52.92 -47.38
CA LEU K 507 9.08 -52.99 -47.89
C LEU K 507 10.03 -52.03 -47.21
N ALA K 508 9.52 -50.96 -46.61
CA ALA K 508 10.33 -50.03 -45.85
C ALA K 508 10.87 -50.68 -44.55
N LEU K 509 10.24 -51.75 -44.08
CA LEU K 509 10.67 -52.36 -42.78
C LEU K 509 11.87 -53.25 -42.94
N THR K 510 12.96 -52.65 -43.37
CA THR K 510 14.22 -53.33 -43.70
C THR K 510 15.11 -53.71 -42.54
N GLY K 511 14.87 -53.09 -41.39
CA GLY K 511 15.78 -53.20 -40.27
C GLY K 511 17.13 -52.50 -40.42
N VAL K 512 17.27 -51.61 -41.40
CA VAL K 512 18.49 -50.89 -41.62
C VAL K 512 18.11 -49.43 -41.94
N PRO K 513 18.73 -48.43 -41.26
CA PRO K 513 18.34 -47.07 -41.62
C PRO K 513 18.76 -46.68 -43.02
N ILE K 514 17.94 -45.84 -43.63
CA ILE K 514 18.24 -45.25 -44.93
C ILE K 514 19.57 -44.49 -44.90
N VAL K 515 19.78 -43.73 -43.84
CA VAL K 515 20.94 -42.88 -43.73
C VAL K 515 21.97 -43.57 -42.84
N GLN K 516 23.10 -43.91 -43.43
CA GLN K 516 24.21 -44.53 -42.74
C GLN K 516 25.51 -44.03 -43.42
N TRP K 517 26.57 -43.95 -42.67
CA TRP K 517 27.87 -43.66 -43.25
C TRP K 517 28.45 -44.95 -43.88
N PRO K 518 29.01 -44.86 -45.12
CA PRO K 518 29.67 -45.96 -45.84
C PRO K 518 31.07 -46.10 -45.36
#